data_8T3O
#
_entry.id   8T3O
#
_cell.length_a   1.00
_cell.length_b   1.00
_cell.length_c   1.00
_cell.angle_alpha   90.00
_cell.angle_beta   90.00
_cell.angle_gamma   90.00
#
_symmetry.space_group_name_H-M   'P 1'
#
loop_
_entity.id
_entity.type
_entity.pdbx_description
1 polymer 'Free fatty acid receptor 4'
2 polymer 'Guanine nucleotide-binding protein G(I)/G(S)/G(T) subunit beta-1'
3 polymer 'Guanine nucleotide-binding protein G(I)/G(S)/G(O) subunit gamma-2'
4 polymer 'Guanine nucleotide-binding protein G(q)'
5 polymer scFv16
6 non-polymer "3-{4-[(4-fluoro-4'-methyl[1,1'-biphenyl]-2-yl)methoxy]phenyl}propanoic acid"
7 non-polymer '(2R)-1-{[(R)-hydroxy{[(1R,2R,3R,4R,5S,6R)-2,3,5,6-tetrahydroxy-4-(phosphonooxy)cyclohexyl]oxy}phosphoryl]oxy}-3-(octadecanoyloxy)propan-2-yl (5Z,8Z,11Z,14Z)-icosa-5,8,11,14-tetraenoate'
8 non-polymer 'PALMITIC ACID'
#
loop_
_entity_poly.entity_id
_entity_poly.type
_entity_poly.pdbx_seq_one_letter_code
_entity_poly.pdbx_strand_id
1 'polypeptide(L)'
;RTRFPFFSDVKGDHRLVLAAVETTVLVLIFAVSLLGNVCALVLVARRRRRGATACLVLNLFCADLLFISAIPLVLAVRWT
EAWLLGPVACHLLFYVMTLSGSVTILTLAAVSLERMVCIVHLQRGPGRRARAVLLALIWGYSAVAALPLCVFFRVVPQRI
SICTLIWPTIPGEISWDVSFVTLNFLVPGLVIVISYSKILQITKASRKRLTVSLAYSESHQIRVSQQDFRLFRTLFLLMV
SFFIMWSPIIITILLILIQNFKQDLVIWPSLFFWVVAFTFANSALNPILYNMTLCRN
;
R
2 'polypeptide(L)'
;SELDQLRQEAEQLKNQIRDARKACADATLSQITNNIDPVGRIQMRTRRTLRGHLAKIYAMHWGTDSRLLVSASQDGKLII
WDSYTTNKVHAIPLRSSWVMTCAYAPSGNYVACGGLDNICSIYNLKTREGNVRVSRELAGHTGYLSCCRFLDDNQIVTSS
GDTTCALWDIETGQQTTTFTGHTGDVMSLSLAPDTRLFVSGACDASAKLWDVREGMCRQTFTGHESDINAICFFPNGNAF
ATGSDDATCRLFDLRADQELMTYSHDNIICGITSVSFSKSGRLLLAGYDDFNCNVWDALKADRAGVLAGHDNRVSCLGVT
DDGMAVATGSWDSFLKIWNGSS
;
B
3 'polypeptide(L)' TASIAQARKLVEQLKMEANIDRIKVSKAAADLMAYCEAHAKEDPLLTPVPASENPFR G
4 'polypeptide(L)'
;VSAEDKAAAERSKMIDKNLREDGEKARRTLRLLLLGADNSGKSTIVKQMTSGIFETKFQVDKVNFHMFDVGGQRDERRKW
IQCFNDVTAIIFVVDSSDYNRLQEALNDFKSIWNNRWLRTISVILFLNKQDLLAEKVLAGKSKIEDYFPEFARYTTPEDA
TPEPGEDPRVTRAKYFIRKEFVDISTASGDGRHICYPHFTCAVDTENARRIFNDCKDIILQMNLREYNLV
;
A
5 'polypeptide(L)'
;VQLVESGGGLVQPGGSRKLSCSASGFAFSSFGMHWVRQAPEKGLEWVAYISSGSGTIYYADTVKGRFTISRDDPKNTLFL
QMTSLRSEDTAMYYCVRSIYYYGSSPFDFWGQGTTLTVSAGGGGSGGGGSGGGGSADIVMTQATSSVPVTPGESVSISCR
SSKSLLHSNGNTYLYWFLQRPGQSPQLLIYRMSNLASGVPDRFSGSGSGTAFTLTISRLEAEDVGVYYCMQHLEYPLTFG
AGTKLELLEENLYFQGASHHHHHHHH
;
N
#
loop_
_chem_comp.id
_chem_comp.type
_chem_comp.name
_chem_comp.formula
2Y5 non-polymer '(2R)-1-{[(R)-hydroxy{[(1R,2R,3R,4R,5S,6R)-2,3,5,6-tetrahydroxy-4-(phosphonooxy)cyclohexyl]oxy}phosphoryl]oxy}-3-(octadecanoyloxy)propan-2-yl (5Z,8Z,11Z,14Z)-icosa-5,8,11,14-tetraenoate' 'C47 H84 O16 P2'
PLM non-polymer 'PALMITIC ACID' 'C16 H32 O2'
YN9 non-polymer '3-{4-[(4-fluoro-4'-methyl[1,1'-biphenyl]-2-yl)methoxy]phenyl}propanoic acid' 'C23 H21 F O3'
#
# COMPACT_ATOMS: atom_id res chain seq x y z
N ARG A 1 50.15 -38.69 20.67
CA ARG A 1 51.06 -38.46 19.56
C ARG A 1 51.23 -36.97 19.30
N THR A 2 51.18 -36.56 18.04
CA THR A 2 51.31 -35.17 17.65
C THR A 2 49.97 -34.68 17.12
N ARG A 3 49.43 -33.64 17.75
CA ARG A 3 48.14 -33.06 17.37
C ARG A 3 48.32 -31.57 17.12
N PHE A 4 47.78 -31.10 16.01
CA PHE A 4 47.94 -29.69 15.65
C PHE A 4 47.08 -28.83 16.58
N PRO A 5 47.67 -27.82 17.23
CA PRO A 5 46.86 -26.95 18.09
C PRO A 5 46.05 -25.94 17.29
N PHE A 6 44.85 -25.66 17.76
CA PHE A 6 43.93 -24.73 17.09
C PHE A 6 43.92 -23.43 17.88
N PHE A 7 44.42 -22.36 17.27
CA PHE A 7 44.53 -21.05 17.91
C PHE A 7 45.38 -21.12 19.17
N SER A 8 46.27 -22.11 19.24
CA SER A 8 47.10 -22.35 20.42
C SER A 8 48.57 -22.36 19.98
N ASP A 9 49.14 -21.16 19.85
CA ASP A 9 50.60 -21.06 19.54
C ASP A 9 51.40 -21.42 20.77
N VAL A 10 52.46 -22.20 20.59
CA VAL A 10 53.32 -22.58 21.71
C VAL A 10 54.01 -21.34 22.30
N LYS A 11 54.51 -20.47 21.43
CA LYS A 11 55.08 -19.20 21.88
C LYS A 11 55.07 -18.23 20.72
N GLY A 12 55.02 -16.94 21.06
CA GLY A 12 55.08 -15.89 20.06
C GLY A 12 56.17 -14.89 20.37
N ASP A 13 57.07 -14.65 19.42
CA ASP A 13 58.16 -13.72 19.64
C ASP A 13 57.63 -12.32 19.82
N HIS A 14 57.98 -11.69 20.95
CA HIS A 14 57.50 -10.36 21.32
C HIS A 14 55.97 -10.34 21.35
N ARG A 15 55.41 -11.06 22.33
CA ARG A 15 53.96 -11.13 22.46
C ARG A 15 53.35 -9.73 22.60
N LEU A 16 54.03 -8.83 23.30
CA LEU A 16 53.57 -7.47 23.50
C LEU A 16 53.35 -6.76 22.17
N VAL A 17 54.20 -7.08 21.18
CA VAL A 17 54.10 -6.43 19.87
C VAL A 17 53.25 -7.23 18.89
N LEU A 18 53.35 -8.55 18.90
CA LEU A 18 52.66 -9.40 17.94
C LEU A 18 51.23 -9.71 18.34
N ALA A 19 51.03 -10.23 19.56
CA ALA A 19 49.70 -10.63 19.99
C ALA A 19 48.78 -9.43 20.10
N ALA A 20 49.29 -8.29 20.56
CA ALA A 20 48.45 -7.10 20.67
C ALA A 20 47.93 -6.67 19.31
N VAL A 21 48.80 -6.65 18.29
CA VAL A 21 48.37 -6.24 16.96
C VAL A 21 47.43 -7.28 16.35
N GLU A 22 47.71 -8.56 16.60
CA GLU A 22 46.87 -9.62 15.96
C GLU A 22 45.51 -9.65 16.68
N THR A 23 45.43 -9.17 17.92
CA THR A 23 44.13 -9.06 18.55
C THR A 23 43.40 -7.79 18.12
N THR A 24 44.15 -6.70 17.92
CA THR A 24 43.54 -5.46 17.47
C THR A 24 42.94 -5.60 16.08
N VAL A 25 43.62 -6.32 15.19
CA VAL A 25 43.09 -6.52 13.84
C VAL A 25 41.80 -7.33 13.89
N LEU A 26 41.74 -8.34 14.77
CA LEU A 26 40.51 -9.11 14.91
C LEU A 26 39.40 -8.27 15.53
N VAL A 27 39.74 -7.39 16.47
CA VAL A 27 38.75 -6.49 17.04
C VAL A 27 38.19 -5.57 15.97
N LEU A 28 39.06 -5.04 15.11
CA LEU A 28 38.59 -4.20 14.01
C LEU A 28 37.71 -4.98 13.05
N ILE A 29 38.09 -6.23 12.74
CA ILE A 29 37.27 -7.06 11.87
C ILE A 29 35.90 -7.30 12.49
N PHE A 30 35.87 -7.61 13.79
CA PHE A 30 34.61 -7.82 14.48
C PHE A 30 33.75 -6.56 14.43
N ALA A 31 34.33 -5.40 14.74
CA ALA A 31 33.56 -4.16 14.75
C ALA A 31 33.00 -3.86 13.37
N VAL A 32 33.83 -3.95 12.33
CA VAL A 32 33.39 -3.63 10.98
C VAL A 32 32.30 -4.60 10.52
N SER A 33 32.53 -5.90 10.73
CA SER A 33 31.57 -6.90 10.27
C SER A 33 30.25 -6.78 11.02
N LEU A 34 30.31 -6.55 12.34
CA LEU A 34 29.08 -6.41 13.11
C LEU A 34 28.31 -5.16 12.71
N LEU A 35 29.01 -4.03 12.55
CA LEU A 35 28.33 -2.81 12.13
C LEU A 35 27.67 -2.99 10.77
N GLY A 36 28.42 -3.56 9.82
CA GLY A 36 27.87 -3.78 8.49
C GLY A 36 26.68 -4.73 8.51
N ASN A 37 26.77 -5.79 9.31
CA ASN A 37 25.70 -6.79 9.32
C ASN A 37 24.45 -6.25 10.02
N VAL A 38 24.61 -5.51 11.11
CA VAL A 38 23.42 -4.95 11.76
C VAL A 38 22.79 -3.87 10.88
N CYS A 39 23.62 -3.07 10.19
CA CYS A 39 23.06 -2.10 9.25
C CYS A 39 22.31 -2.79 8.12
N ALA A 40 22.89 -3.86 7.57
CA ALA A 40 22.24 -4.59 6.50
C ALA A 40 20.94 -5.23 6.97
N LEU A 41 20.95 -5.81 8.17
CA LEU A 41 19.74 -6.43 8.70
C LEU A 41 18.67 -5.41 8.97
N VAL A 42 19.04 -4.24 9.50
CA VAL A 42 18.06 -3.17 9.71
C VAL A 42 17.47 -2.72 8.39
N LEU A 43 18.31 -2.52 7.38
CA LEU A 43 17.82 -2.10 6.07
C LEU A 43 16.90 -3.15 5.46
N VAL A 44 17.28 -4.43 5.54
CA VAL A 44 16.47 -5.49 4.97
C VAL A 44 15.14 -5.60 5.70
N ALA A 45 15.17 -5.52 7.04
CA ALA A 45 13.92 -5.58 7.79
C ALA A 45 13.01 -4.41 7.45
N ARG A 46 13.57 -3.20 7.35
CA ARG A 46 12.76 -2.04 7.01
C ARG A 46 12.16 -2.17 5.62
N ARG A 47 12.95 -2.63 4.65
CA ARG A 47 12.45 -2.76 3.29
C ARG A 47 11.40 -3.86 3.19
N ARG A 48 11.68 -5.03 3.75
CA ARG A 48 10.73 -6.13 3.74
C ARG A 48 9.43 -5.74 4.44
N ARG A 49 9.56 -4.85 5.42
CA ARG A 49 8.35 -4.33 6.09
C ARG A 49 7.59 -3.48 5.07
N ARG A 50 8.26 -2.52 4.42
CA ARG A 50 7.55 -1.61 3.48
C ARG A 50 7.41 -2.25 2.10
N GLY A 51 6.86 -3.47 2.02
CA GLY A 51 6.52 -4.06 0.70
C GLY A 51 7.61 -4.80 -0.07
N ALA A 52 8.83 -4.94 0.46
CA ALA A 52 9.87 -5.59 -0.37
C ALA A 52 9.57 -7.07 -0.50
N THR A 53 10.07 -7.71 -1.57
CA THR A 53 9.78 -9.14 -1.82
C THR A 53 10.69 -10.01 -0.95
N ALA A 54 10.36 -11.31 -0.82
CA ALA A 54 11.13 -12.22 0.03
C ALA A 54 12.53 -12.48 -0.55
N CYS A 55 13.58 -12.26 0.25
CA CYS A 55 14.93 -12.60 -0.19
C CYS A 55 15.63 -13.36 0.92
N LEU A 56 16.66 -14.12 0.57
CA LEU A 56 17.36 -14.96 1.53
C LEU A 56 18.62 -14.31 2.10
N VAL A 57 18.92 -13.08 1.72
CA VAL A 57 20.14 -12.43 2.21
C VAL A 57 20.08 -12.14 3.71
N LEU A 58 18.88 -12.17 4.30
CA LEU A 58 18.79 -12.01 5.75
C LEU A 58 19.45 -13.19 6.46
N ASN A 59 19.35 -14.39 5.89
CA ASN A 59 20.03 -15.54 6.49
C ASN A 59 21.53 -15.37 6.40
N LEU A 60 22.03 -14.82 5.29
CA LEU A 60 23.43 -14.44 5.19
C LEU A 60 23.83 -13.49 6.31
N PHE A 61 23.02 -12.44 6.49
CA PHE A 61 23.36 -11.42 7.47
C PHE A 61 23.36 -11.96 8.89
N CYS A 62 22.46 -12.88 9.21
CA CYS A 62 22.46 -13.51 10.53
C CYS A 62 23.62 -14.50 10.69
N ALA A 63 23.94 -15.24 9.63
CA ALA A 63 25.03 -16.19 9.69
C ALA A 63 26.36 -15.48 9.89
N ASP A 64 26.52 -14.30 9.29
CA ASP A 64 27.76 -13.53 9.51
C ASP A 64 27.87 -13.11 10.97
N LEU A 65 26.75 -12.68 11.57
CA LEU A 65 26.78 -12.34 12.99
C LEU A 65 27.15 -13.53 13.85
N LEU A 66 26.59 -14.70 13.54
CA LEU A 66 26.97 -15.90 14.28
C LEU A 66 28.43 -16.26 14.04
N PHE A 67 28.98 -15.90 12.87
CA PHE A 67 30.40 -16.07 12.63
C PHE A 67 31.25 -15.19 13.52
N ILE A 68 30.86 -13.92 13.69
CA ILE A 68 31.59 -13.03 14.59
C ILE A 68 31.18 -13.26 16.04
N SER A 69 30.32 -14.24 16.31
CA SER A 69 30.03 -14.60 17.69
C SER A 69 31.16 -15.40 18.34
N ALA A 70 31.93 -16.15 17.56
CA ALA A 70 32.95 -17.04 18.09
C ALA A 70 34.35 -16.43 18.06
N ILE A 71 34.50 -15.18 17.63
CA ILE A 71 35.81 -14.54 17.58
C ILE A 71 36.30 -14.10 18.96
N PRO A 72 35.45 -13.66 19.91
CA PRO A 72 36.02 -13.30 21.21
C PRO A 72 36.71 -14.46 21.91
N LEU A 73 36.20 -15.68 21.73
CA LEU A 73 36.81 -16.84 22.38
C LEU A 73 38.21 -17.10 21.84
N VAL A 74 38.36 -17.13 20.52
CA VAL A 74 39.68 -17.35 19.94
C VAL A 74 40.61 -16.18 20.22
N LEU A 75 40.05 -14.98 20.33
CA LEU A 75 40.85 -13.82 20.72
C LEU A 75 41.41 -13.99 22.13
N ALA A 76 40.57 -14.42 23.06
CA ALA A 76 41.03 -14.65 24.43
C ALA A 76 42.06 -15.77 24.47
N VAL A 77 41.79 -16.88 23.75
CA VAL A 77 42.70 -18.05 23.83
C VAL A 77 44.13 -17.59 23.56
N ARG A 78 44.35 -16.94 22.42
CA ARG A 78 45.70 -16.45 22.07
C ARG A 78 46.14 -15.37 23.07
N TRP A 79 45.23 -14.49 23.51
CA TRP A 79 45.62 -13.50 24.56
C TRP A 79 46.30 -14.26 25.70
N THR A 80 45.84 -15.48 25.96
CA THR A 80 46.42 -16.32 27.00
C THR A 80 47.42 -17.34 26.47
N GLU A 81 47.45 -17.58 25.16
CA GLU A 81 48.39 -18.50 24.52
C GLU A 81 48.27 -19.93 25.05
N ALA A 82 47.09 -20.25 25.61
CA ALA A 82 46.83 -21.62 26.11
C ALA A 82 45.32 -21.81 26.33
N TRP A 83 44.83 -23.06 26.33
CA TRP A 83 43.36 -23.28 26.47
C TRP A 83 42.98 -23.30 27.94
N LEU A 84 42.18 -22.34 28.37
CA LEU A 84 41.69 -22.36 29.78
C LEU A 84 40.16 -22.20 29.77
N LEU A 85 39.56 -22.16 28.58
CA LEU A 85 38.09 -21.91 28.48
C LEU A 85 37.30 -23.09 29.02
N GLY A 86 37.91 -24.28 29.09
CA GLY A 86 37.21 -25.44 29.66
C GLY A 86 36.66 -26.34 28.58
N PRO A 87 36.31 -27.61 28.89
CA PRO A 87 35.90 -28.55 27.84
C PRO A 87 34.65 -28.08 27.10
N VAL A 88 33.64 -27.62 27.83
CA VAL A 88 32.37 -27.26 27.15
C VAL A 88 32.66 -26.09 26.20
N ALA A 89 33.70 -25.29 26.50
CA ALA A 89 33.90 -24.11 25.66
C ALA A 89 34.17 -24.46 24.21
N CYS A 90 35.14 -25.36 23.95
CA CYS A 90 35.40 -25.71 22.57
C CYS A 90 34.59 -26.90 22.09
N HIS A 91 33.76 -27.50 22.95
CA HIS A 91 32.71 -28.35 22.43
C HIS A 91 31.63 -27.55 21.74
N LEU A 92 31.64 -26.23 21.91
CA LEU A 92 30.70 -25.32 21.27
C LEU A 92 31.37 -24.29 20.37
N LEU A 93 32.60 -23.89 20.67
CA LEU A 93 33.24 -22.82 19.90
C LEU A 93 33.44 -23.22 18.44
N PHE A 94 34.28 -24.22 18.23
CA PHE A 94 34.59 -24.64 16.85
C PHE A 94 33.33 -25.15 16.18
N TYR A 95 32.48 -25.88 16.91
CA TYR A 95 31.19 -26.32 16.32
C TYR A 95 30.43 -25.09 15.80
N VAL A 96 30.16 -24.12 16.66
CA VAL A 96 29.31 -22.98 16.19
C VAL A 96 30.03 -22.29 15.03
N MET A 97 31.37 -22.17 15.07
CA MET A 97 32.08 -21.43 14.01
C MET A 97 31.88 -22.17 12.67
N THR A 98 32.11 -23.47 12.67
CA THR A 98 31.95 -24.28 11.43
C THR A 98 30.49 -24.18 10.97
N LEU A 99 29.53 -24.18 11.89
CA LEU A 99 28.11 -24.02 11.49
C LEU A 99 27.95 -22.69 10.75
N SER A 100 28.31 -21.57 11.40
CA SER A 100 28.11 -20.23 10.81
C SER A 100 28.87 -20.11 9.49
N GLY A 101 29.91 -20.93 9.27
CA GLY A 101 30.60 -20.90 7.97
C GLY A 101 29.85 -21.70 6.94
N SER A 102 29.68 -23.00 7.19
CA SER A 102 28.98 -23.91 6.25
C SER A 102 27.63 -23.29 5.92
N VAL A 103 27.02 -22.61 6.88
CA VAL A 103 25.70 -22.11 6.51
C VAL A 103 25.77 -20.82 5.71
N THR A 104 26.92 -20.14 5.71
CA THR A 104 27.10 -18.98 4.84
C THR A 104 27.31 -19.42 3.40
N ILE A 105 28.12 -20.47 3.19
CA ILE A 105 28.36 -20.96 1.83
C ILE A 105 27.08 -21.54 1.24
N LEU A 106 26.36 -22.33 2.02
CA LEU A 106 25.15 -22.95 1.51
C LEU A 106 24.10 -21.90 1.16
N THR A 107 23.96 -20.88 1.99
CA THR A 107 22.97 -19.85 1.68
C THR A 107 23.45 -18.88 0.60
N LEU A 108 24.77 -18.75 0.39
CA LEU A 108 25.26 -18.11 -0.83
C LEU A 108 24.80 -18.88 -2.06
N ALA A 109 24.94 -20.20 -2.03
CA ALA A 109 24.46 -21.02 -3.13
C ALA A 109 22.97 -20.86 -3.32
N ALA A 110 22.21 -20.87 -2.22
CA ALA A 110 20.76 -20.74 -2.30
C ALA A 110 20.34 -19.39 -2.86
N VAL A 111 21.01 -18.31 -2.43
CA VAL A 111 20.69 -16.99 -2.96
C VAL A 111 21.01 -16.92 -4.44
N SER A 112 22.16 -17.45 -4.85
CA SER A 112 22.50 -17.43 -6.27
C SER A 112 21.49 -18.20 -7.10
N LEU A 113 21.09 -19.38 -6.63
CA LEU A 113 20.15 -20.19 -7.39
C LEU A 113 18.75 -19.57 -7.41
N GLU A 114 18.33 -18.93 -6.32
CA GLU A 114 17.01 -18.31 -6.31
C GLU A 114 16.98 -17.01 -7.10
N ARG A 115 18.13 -16.35 -7.24
CA ARG A 115 18.20 -15.19 -8.12
C ARG A 115 18.24 -15.60 -9.59
N MET A 116 18.90 -16.71 -9.91
CA MET A 116 18.90 -17.17 -11.29
C MET A 116 17.55 -17.73 -11.70
N VAL A 117 16.92 -18.53 -10.85
CA VAL A 117 15.70 -19.21 -11.24
C VAL A 117 14.56 -18.22 -11.40
N CYS A 118 14.50 -17.18 -10.57
CA CYS A 118 13.44 -16.20 -10.68
C CYS A 118 13.64 -15.29 -11.88
N ILE A 119 14.89 -14.92 -12.17
CA ILE A 119 15.16 -14.00 -13.27
C ILE A 119 14.94 -14.69 -14.61
N VAL A 120 15.47 -15.91 -14.74
CA VAL A 120 15.43 -16.60 -16.06
C VAL A 120 14.11 -17.34 -16.23
N HIS A 121 13.66 -18.07 -15.22
CA HIS A 121 12.44 -18.91 -15.41
C HIS A 121 11.19 -18.21 -14.89
N LEU A 122 11.02 -18.13 -13.57
CA LEU A 122 9.79 -17.54 -12.98
C LEU A 122 9.48 -16.18 -13.61
N GLN A 123 10.50 -15.43 -14.05
CA GLN A 123 10.25 -14.08 -14.57
C GLN A 123 9.35 -13.37 -13.55
N ARG A 124 8.29 -12.68 -13.97
CA ARG A 124 7.38 -12.00 -13.06
C ARG A 124 6.07 -12.76 -13.02
N GLY A 125 5.58 -13.04 -11.82
CA GLY A 125 4.35 -13.79 -11.65
C GLY A 125 4.52 -14.98 -10.73
N PRO A 126 7.27 -19.74 -3.09
CA PRO A 126 7.81 -18.42 -2.75
C PRO A 126 7.18 -17.81 -1.50
N GLY A 127 6.39 -18.61 -0.79
CA GLY A 127 5.74 -18.13 0.42
C GLY A 127 6.71 -17.94 1.57
N ARG A 128 6.23 -17.23 2.59
CA ARG A 128 7.05 -16.99 3.77
C ARG A 128 7.39 -18.29 4.48
N ARG A 129 6.41 -19.19 4.60
CA ARG A 129 6.67 -20.49 5.22
C ARG A 129 7.67 -21.30 4.40
N ALA A 130 7.64 -21.16 3.08
CA ALA A 130 8.64 -21.84 2.25
C ALA A 130 10.04 -21.33 2.53
N ARG A 131 10.21 -20.01 2.64
CA ARG A 131 11.51 -19.46 2.99
C ARG A 131 11.97 -19.93 4.36
N ALA A 132 11.05 -19.94 5.33
CA ALA A 132 11.40 -20.39 6.67
C ALA A 132 11.83 -21.85 6.67
N VAL A 133 11.10 -22.70 5.94
CA VAL A 133 11.42 -24.12 5.93
C VAL A 133 12.74 -24.36 5.20
N LEU A 134 13.03 -23.59 4.14
CA LEU A 134 14.31 -23.75 3.47
C LEU A 134 15.47 -23.30 4.35
N LEU A 135 15.30 -22.18 5.06
CA LEU A 135 16.34 -21.73 5.97
C LEU A 135 16.57 -22.74 7.09
N ALA A 136 15.48 -23.29 7.64
CA ALA A 136 15.62 -24.30 8.68
C ALA A 136 16.32 -25.54 8.15
N LEU A 137 15.99 -25.95 6.93
CA LEU A 137 16.65 -27.11 6.33
C LEU A 137 18.14 -26.86 6.15
N ILE A 138 18.51 -25.67 5.69
CA ILE A 138 19.93 -25.35 5.51
C ILE A 138 20.65 -25.35 6.84
N TRP A 139 20.06 -24.75 7.87
CA TRP A 139 20.68 -24.74 9.19
C TRP A 139 20.82 -26.15 9.73
N GLY A 140 19.80 -26.99 9.54
CA GLY A 140 19.88 -28.37 10.00
C GLY A 140 20.93 -29.17 9.28
N TYR A 141 21.06 -28.98 7.96
CA TYR A 141 22.12 -29.66 7.22
C TYR A 141 23.49 -29.22 7.71
N SER A 142 23.69 -27.93 7.96
CA SER A 142 24.96 -27.48 8.50
C SER A 142 25.22 -28.07 9.87
N ALA A 143 24.18 -28.19 10.70
CA ALA A 143 24.33 -28.79 12.03
C ALA A 143 24.75 -30.26 11.92
N VAL A 144 24.11 -31.00 11.02
CA VAL A 144 24.47 -32.41 10.83
C VAL A 144 25.90 -32.52 10.32
N ALA A 145 26.29 -31.66 9.39
CA ALA A 145 27.64 -31.70 8.86
C ALA A 145 28.68 -31.38 9.92
N ALA A 146 28.40 -30.41 10.79
CA ALA A 146 29.37 -29.97 11.78
C ALA A 146 29.33 -30.78 13.07
N LEU A 147 28.32 -31.63 13.25
CA LEU A 147 28.25 -32.42 14.48
C LEU A 147 29.47 -33.31 14.72
N PRO A 148 30.01 -34.04 13.72
CA PRO A 148 31.25 -34.79 13.98
C PRO A 148 32.39 -33.93 14.50
N LEU A 149 32.44 -32.66 14.09
CA LEU A 149 33.48 -31.76 14.60
C LEU A 149 33.20 -31.33 16.03
N CYS A 150 31.94 -31.40 16.48
CA CYS A 150 31.59 -30.94 17.81
C CYS A 150 32.06 -31.91 18.88
N VAL A 151 31.90 -33.22 18.65
CA VAL A 151 32.13 -34.20 19.69
C VAL A 151 33.59 -34.61 19.84
N PHE A 152 34.42 -34.35 18.83
CA PHE A 152 35.82 -34.83 18.88
C PHE A 152 36.78 -33.71 19.34
N PHE A 153 36.24 -32.51 19.60
CA PHE A 153 37.11 -31.42 20.13
C PHE A 153 37.32 -31.67 21.62
N ARG A 154 38.28 -32.52 21.98
CA ARG A 154 38.45 -32.89 23.41
C ARG A 154 39.74 -32.28 23.98
N VAL A 155 39.65 -31.74 25.20
CA VAL A 155 40.82 -31.11 25.78
C VAL A 155 41.71 -32.21 26.34
N VAL A 156 42.90 -32.30 25.75
CA VAL A 156 43.91 -33.30 26.21
C VAL A 156 45.23 -32.55 26.36
N PRO A 157 46.19 -33.00 27.20
CA PRO A 157 47.50 -32.35 27.30
C PRO A 157 48.26 -32.50 25.97
N GLN A 158 48.82 -31.40 25.46
CA GLN A 158 49.51 -31.45 24.14
C GLN A 158 50.83 -32.23 24.24
N ARG A 159 51.67 -31.89 25.22
CA ARG A 159 53.00 -32.54 25.34
C ARG A 159 53.31 -32.74 26.83
N ILE A 160 50.98 -28.89 26.98
CA ILE A 160 50.31 -27.68 27.55
C ILE A 160 48.80 -27.93 27.50
N SER A 161 48.00 -26.95 27.92
CA SER A 161 46.53 -27.11 27.92
C SER A 161 45.95 -26.51 26.63
N ILE A 162 45.51 -27.37 25.70
CA ILE A 162 44.90 -26.93 24.40
C ILE A 162 43.82 -27.95 24.04
N CYS A 163 42.87 -27.59 23.17
CA CYS A 163 41.89 -28.63 22.71
C CYS A 163 41.95 -28.80 21.18
N THR A 164 42.23 -30.01 20.74
CA THR A 164 42.38 -30.29 19.30
C THR A 164 41.38 -31.36 18.86
N LEU A 165 41.03 -31.36 17.58
CA LEU A 165 40.16 -32.44 17.09
C LEU A 165 40.90 -33.76 17.31
N ILE A 166 40.19 -34.76 17.83
CA ILE A 166 40.85 -36.08 18.05
C ILE A 166 40.67 -36.93 16.79
N TRP A 167 39.44 -37.02 16.29
CA TRP A 167 39.16 -37.81 15.05
C TRP A 167 39.84 -39.17 15.11
N PRO A 168 39.38 -40.09 15.98
CA PRO A 168 40.09 -41.36 16.16
C PRO A 168 40.28 -42.16 14.86
N THR A 169 39.20 -42.46 14.15
CA THR A 169 39.32 -43.32 12.95
C THR A 169 39.73 -42.47 11.76
N ILE A 170 41.01 -42.52 11.38
CA ILE A 170 41.45 -41.65 10.25
C ILE A 170 40.61 -41.95 9.00
N PRO A 171 40.41 -43.20 8.53
CA PRO A 171 39.52 -43.43 7.39
C PRO A 171 38.25 -42.57 7.51
N GLY A 172 37.51 -42.75 8.60
CA GLY A 172 36.28 -41.96 8.84
C GLY A 172 36.60 -40.48 8.74
N GLU A 173 37.60 -40.02 9.49
CA GLU A 173 38.02 -38.63 9.40
C GLU A 173 38.25 -38.21 7.95
N ILE A 174 38.92 -39.08 7.18
CA ILE A 174 39.16 -38.78 5.77
C ILE A 174 37.85 -38.63 5.02
N SER A 175 36.91 -39.56 5.27
CA SER A 175 35.63 -39.52 4.57
C SER A 175 34.85 -38.26 4.91
N TRP A 176 34.74 -37.94 6.19
CA TRP A 176 34.00 -36.74 6.58
C TRP A 176 34.67 -35.49 6.04
N ASP A 177 36.00 -35.44 6.06
CA ASP A 177 36.68 -34.23 5.62
C ASP A 177 36.53 -34.03 4.11
N VAL A 178 36.65 -35.12 3.33
CA VAL A 178 36.45 -34.98 1.89
C VAL A 178 35.00 -34.64 1.57
N SER A 179 34.05 -35.15 2.36
CA SER A 179 32.66 -34.80 2.14
C SER A 179 32.39 -33.34 2.47
N PHE A 180 33.02 -32.83 3.54
CA PHE A 180 32.79 -31.45 3.94
C PHE A 180 33.49 -30.45 3.02
N VAL A 181 34.62 -30.85 2.40
CA VAL A 181 35.23 -29.99 1.40
C VAL A 181 34.67 -30.21 0.01
N THR A 182 33.83 -31.24 -0.18
CA THR A 182 33.19 -31.49 -1.46
C THR A 182 31.72 -31.13 -1.46
N LEU A 183 30.95 -31.69 -0.52
CA LEU A 183 29.51 -31.49 -0.52
C LEU A 183 29.11 -30.12 0.01
N ASN A 184 29.99 -29.47 0.77
CA ASN A 184 29.65 -28.20 1.38
C ASN A 184 30.36 -27.00 0.77
N PHE A 185 31.43 -27.22 0.01
CA PHE A 185 32.11 -26.10 -0.63
C PHE A 185 32.19 -26.22 -2.13
N LEU A 186 32.47 -27.42 -2.66
CA LEU A 186 32.64 -27.57 -4.10
C LEU A 186 31.30 -27.47 -4.83
N VAL A 187 30.28 -28.16 -4.34
CA VAL A 187 28.97 -28.17 -4.97
C VAL A 187 28.32 -26.79 -4.90
N PRO A 188 28.28 -26.12 -3.74
CA PRO A 188 27.77 -24.73 -3.75
C PRO A 188 28.53 -23.81 -4.68
N GLY A 189 29.85 -23.97 -4.78
CA GLY A 189 30.61 -23.17 -5.73
C GLY A 189 30.21 -23.45 -7.17
N LEU A 190 29.99 -24.73 -7.49
CA LEU A 190 29.56 -25.09 -8.83
C LEU A 190 28.20 -24.49 -9.15
N VAL A 191 27.26 -24.53 -8.21
CA VAL A 191 25.95 -23.96 -8.50
C VAL A 191 26.00 -22.45 -8.57
N ILE A 192 26.88 -21.81 -7.78
CA ILE A 192 27.03 -20.36 -7.88
C ILE A 192 27.55 -19.98 -9.26
N VAL A 193 28.59 -20.69 -9.72
CA VAL A 193 29.15 -20.40 -11.04
C VAL A 193 28.12 -20.64 -12.12
N ILE A 194 27.38 -21.74 -12.02
CA ILE A 194 26.38 -22.07 -13.04
C ILE A 194 25.29 -21.01 -13.09
N SER A 195 24.78 -20.62 -11.93
CA SER A 195 23.69 -19.64 -11.89
C SER A 195 24.14 -18.28 -12.43
N TYR A 196 25.32 -17.82 -12.00
CA TYR A 196 25.76 -16.51 -12.44
C TYR A 196 26.35 -16.52 -13.84
N SER A 197 26.58 -17.69 -14.42
CA SER A 197 26.87 -17.77 -15.84
C SER A 197 25.59 -17.80 -16.66
N LYS A 198 24.55 -18.45 -16.15
CA LYS A 198 23.26 -18.44 -16.84
C LYS A 198 22.69 -17.04 -16.89
N ILE A 199 22.79 -16.28 -15.80
CA ILE A 199 22.32 -14.90 -15.81
C ILE A 199 23.09 -14.06 -16.83
N LEU A 200 24.41 -14.25 -16.87
CA LEU A 200 25.23 -13.54 -17.85
C LEU A 200 24.81 -13.88 -19.27
N GLN A 201 24.60 -15.17 -19.55
CA GLN A 201 24.20 -15.59 -20.89
C GLN A 201 22.86 -14.99 -21.28
N ILE A 202 21.90 -14.98 -20.34
CA ILE A 202 20.58 -14.41 -20.64
C ILE A 202 20.69 -12.92 -20.93
N THR A 203 21.46 -12.19 -20.11
CA THR A 203 21.59 -10.75 -20.33
C THR A 203 22.27 -10.45 -21.67
N LYS A 204 23.32 -11.20 -22.00
CA LYS A 204 23.99 -10.98 -23.28
C LYS A 204 23.08 -11.33 -24.45
N ALA A 205 22.26 -12.39 -24.31
CA ALA A 205 21.31 -12.71 -25.36
C ALA A 205 20.30 -11.58 -25.56
N SER A 206 19.82 -11.00 -24.46
CA SER A 206 18.90 -9.86 -24.56
C SER A 206 19.56 -8.68 -25.27
N ARG A 207 20.79 -8.35 -24.88
CA ARG A 207 21.47 -7.22 -25.51
C ARG A 207 21.73 -7.48 -26.98
N LYS A 208 22.08 -8.72 -27.34
CA LYS A 208 22.27 -9.06 -28.74
C LYS A 208 20.98 -8.94 -29.53
N ARG A 209 19.87 -9.45 -28.99
CA ARG A 209 18.59 -9.37 -29.67
C ARG A 209 18.14 -7.92 -29.81
N LEU A 210 18.63 -7.03 -28.93
CA LEU A 210 18.30 -5.61 -29.06
C LEU A 210 18.89 -5.00 -30.33
N THR A 211 19.83 -5.69 -31.00
CA THR A 211 20.45 -5.19 -32.22
C THR A 211 20.18 -6.07 -33.43
N VAL A 212 20.30 -7.39 -33.29
CA VAL A 212 20.17 -8.27 -34.45
C VAL A 212 18.72 -8.33 -34.94
N SER A 213 17.76 -7.89 -34.12
CA SER A 213 16.36 -7.91 -34.52
C SER A 213 15.72 -6.53 -34.58
N LEU A 214 16.16 -5.59 -33.75
CA LEU A 214 15.58 -4.26 -33.71
C LEU A 214 16.39 -3.23 -34.49
N ALA A 215 17.45 -3.65 -35.17
CA ALA A 215 18.25 -2.78 -36.04
C ALA A 215 18.79 -1.57 -35.29
N TYR A 216 19.17 -1.77 -34.03
CA TYR A 216 19.88 -0.73 -33.29
C TYR A 216 21.23 -0.48 -33.93
N SER A 217 21.59 0.79 -34.07
CA SER A 217 22.88 1.13 -34.64
C SER A 217 23.98 0.94 -33.60
N GLU A 218 25.23 1.02 -34.08
CA GLU A 218 26.37 0.83 -33.18
C GLU A 218 26.41 1.90 -32.09
N SER A 219 26.17 3.16 -32.46
CA SER A 219 26.19 4.23 -31.48
C SER A 219 25.08 4.04 -30.45
N HIS A 220 23.87 3.70 -30.90
CA HIS A 220 22.76 3.48 -29.98
C HIS A 220 23.03 2.26 -29.10
N GLN A 221 23.56 1.19 -29.68
CA GLN A 221 23.87 -0.01 -28.91
C GLN A 221 24.89 0.30 -27.82
N ILE A 222 25.92 1.07 -28.15
CA ILE A 222 26.91 1.47 -27.16
C ILE A 222 26.27 2.36 -26.09
N ARG A 223 25.37 3.25 -26.50
CA ARG A 223 24.73 4.14 -25.54
C ARG A 223 23.88 3.38 -24.54
N VAL A 224 23.15 2.35 -25.00
CA VAL A 224 22.28 1.60 -24.09
C VAL A 224 22.98 0.42 -23.41
N SER A 225 24.17 0.04 -23.89
CA SER A 225 24.84 -1.16 -23.33
C SER A 225 25.88 -0.74 -22.29
N GLN A 226 25.70 0.42 -21.66
CA GLN A 226 26.62 0.81 -20.56
C GLN A 226 26.42 -0.15 -19.39
N GLN A 227 25.23 -0.75 -19.27
CA GLN A 227 24.92 -1.69 -18.17
C GLN A 227 25.90 -2.87 -18.20
N ASP A 228 26.28 -3.33 -19.39
CA ASP A 228 27.17 -4.51 -19.52
C ASP A 228 28.25 -4.45 -18.43
N PHE A 229 29.01 -3.35 -18.38
CA PHE A 229 30.09 -3.21 -17.38
C PHE A 229 29.55 -3.44 -15.98
N ARG A 230 28.59 -2.62 -15.55
CA ARG A 230 28.13 -2.70 -14.13
C ARG A 230 27.62 -4.12 -13.82
N LEU A 231 26.96 -4.79 -14.77
CA LEU A 231 26.44 -6.10 -14.39
C LEU A 231 27.50 -7.18 -14.46
N PHE A 232 28.32 -7.18 -15.53
CA PHE A 232 29.39 -8.16 -15.64
C PHE A 232 30.37 -8.03 -14.47
N ARG A 233 30.76 -6.79 -14.14
CA ARG A 233 31.67 -6.59 -13.03
C ARG A 233 31.06 -7.07 -11.73
N THR A 234 29.77 -6.77 -11.49
CA THR A 234 29.14 -7.15 -10.24
C THR A 234 29.09 -8.66 -10.08
N LEU A 235 28.61 -9.37 -11.10
CA LEU A 235 28.45 -10.82 -10.93
C LEU A 235 29.79 -11.54 -10.96
N PHE A 236 30.74 -11.05 -11.76
CA PHE A 236 32.09 -11.60 -11.71
C PHE A 236 32.69 -11.40 -10.33
N LEU A 237 32.46 -10.24 -9.74
CA LEU A 237 32.92 -9.98 -8.38
C LEU A 237 32.30 -10.97 -7.41
N LEU A 238 31.00 -11.22 -7.54
CA LEU A 238 30.34 -12.19 -6.67
C LEU A 238 31.02 -13.55 -6.75
N MET A 239 31.19 -14.06 -7.97
CA MET A 239 31.75 -15.40 -8.13
C MET A 239 33.20 -15.48 -7.62
N VAL A 240 34.05 -14.57 -8.11
CA VAL A 240 35.46 -14.68 -7.76
C VAL A 240 35.68 -14.35 -6.29
N SER A 241 34.87 -13.46 -5.70
CA SER A 241 35.00 -13.18 -4.29
C SER A 241 34.61 -14.38 -3.45
N PHE A 242 33.51 -15.05 -3.81
CA PHE A 242 33.16 -16.28 -3.10
C PHE A 242 34.32 -17.26 -3.11
N PHE A 243 34.84 -17.55 -4.30
CA PHE A 243 35.90 -18.56 -4.38
C PHE A 243 37.17 -18.09 -3.66
N ILE A 244 37.55 -16.83 -3.84
CA ILE A 244 38.79 -16.32 -3.26
C ILE A 244 38.71 -16.34 -1.74
N MET A 245 37.60 -15.86 -1.15
CA MET A 245 37.51 -15.74 0.34
C MET A 245 37.27 -17.09 1.04
N TRP A 246 36.48 -18.00 0.46
CA TRP A 246 36.13 -19.27 1.14
C TRP A 246 37.03 -20.41 0.67
N SER A 247 38.11 -20.13 -0.05
CA SER A 247 39.06 -21.21 -0.43
C SER A 247 40.28 -21.28 0.50
N PRO A 248 40.83 -20.20 1.09
CA PRO A 248 41.95 -20.35 2.00
C PRO A 248 41.58 -21.28 3.16
N ILE A 249 40.39 -21.15 3.72
CA ILE A 249 39.94 -22.03 4.83
C ILE A 249 39.87 -23.48 4.32
N ILE A 250 39.37 -23.72 3.11
CA ILE A 250 39.35 -25.10 2.57
C ILE A 250 40.78 -25.59 2.32
N ILE A 251 41.70 -24.74 1.86
CA ILE A 251 43.06 -25.31 1.59
C ILE A 251 43.73 -25.68 2.92
N THR A 252 43.59 -24.86 3.97
CA THR A 252 44.18 -25.22 5.29
C THR A 252 43.62 -26.57 5.71
N ILE A 253 42.32 -26.73 5.58
CA ILE A 253 41.70 -27.98 5.99
C ILE A 253 42.40 -29.16 5.31
N LEU A 254 42.67 -29.03 4.01
CA LEU A 254 43.37 -30.09 3.30
C LEU A 254 44.80 -30.28 3.82
N LEU A 255 45.47 -29.18 4.16
CA LEU A 255 46.82 -29.27 4.70
C LEU A 255 46.82 -30.00 6.05
N ILE A 256 45.85 -29.70 6.91
CA ILE A 256 45.72 -30.43 8.17
C ILE A 256 45.38 -31.89 7.90
N LEU A 257 44.58 -32.15 6.87
CA LEU A 257 44.28 -33.53 6.48
C LEU A 257 45.55 -34.29 6.16
N ILE A 258 46.42 -33.70 5.33
CA ILE A 258 47.66 -34.37 4.95
C ILE A 258 48.69 -34.35 6.06
N GLN A 259 48.49 -33.53 7.10
CA GLN A 259 49.40 -33.55 8.25
C GLN A 259 49.40 -34.90 8.95
N ASN A 260 48.30 -35.64 8.87
CA ASN A 260 48.25 -36.96 9.49
C ASN A 260 49.21 -37.93 8.81
N PHE A 261 49.32 -37.86 7.49
CA PHE A 261 50.17 -38.78 6.75
C PHE A 261 51.54 -38.20 6.42
N LYS A 262 51.70 -36.88 6.53
CA LYS A 262 52.92 -36.18 6.14
C LYS A 262 53.43 -35.33 7.30
N GLN A 263 53.57 -35.94 8.47
CA GLN A 263 53.89 -35.22 9.69
C GLN A 263 55.19 -34.45 9.60
N ASP A 264 56.09 -34.82 8.68
CA ASP A 264 57.32 -34.06 8.49
C ASP A 264 57.04 -32.63 8.04
N LEU A 265 55.94 -32.40 7.32
CA LEU A 265 55.55 -31.05 6.96
C LEU A 265 55.16 -30.27 8.21
N VAL A 266 55.58 -29.00 8.27
CA VAL A 266 55.27 -28.12 9.39
C VAL A 266 54.37 -26.99 8.89
N ILE A 267 53.31 -26.72 9.66
CA ILE A 267 52.43 -25.59 9.41
C ILE A 267 52.46 -24.71 10.65
N TRP A 268 52.82 -23.45 10.47
CA TRP A 268 52.84 -22.52 11.59
C TRP A 268 51.42 -22.31 12.11
N PRO A 269 51.16 -22.51 13.40
CA PRO A 269 49.82 -22.21 13.93
C PRO A 269 49.41 -20.77 13.71
N SER A 270 50.38 -19.85 13.61
CA SER A 270 50.07 -18.48 13.24
C SER A 270 49.48 -18.41 11.84
N LEU A 271 49.94 -19.25 10.92
CA LEU A 271 49.35 -19.29 9.59
C LEU A 271 47.89 -19.72 9.65
N PHE A 272 47.58 -20.74 10.45
CA PHE A 272 46.20 -21.17 10.61
C PHE A 272 45.35 -20.05 11.24
N PHE A 273 45.91 -19.37 12.23
CA PHE A 273 45.17 -18.28 12.85
C PHE A 273 44.90 -17.16 11.85
N TRP A 274 45.87 -16.85 11.00
CA TRP A 274 45.67 -15.78 10.02
C TRP A 274 44.68 -16.21 8.93
N VAL A 275 44.68 -17.49 8.57
CA VAL A 275 43.67 -17.98 7.63
C VAL A 275 42.28 -17.86 8.24
N VAL A 276 42.16 -18.20 9.52
CA VAL A 276 40.87 -18.06 10.20
C VAL A 276 40.48 -16.58 10.29
N ALA A 277 41.47 -15.69 10.45
CA ALA A 277 41.20 -14.26 10.43
C ALA A 277 40.68 -13.81 9.07
N PHE A 278 41.26 -14.35 8.00
CA PHE A 278 40.77 -14.06 6.66
C PHE A 278 39.34 -14.53 6.49
N THR A 279 39.03 -15.73 6.97
CA THR A 279 37.66 -16.24 6.88
C THR A 279 36.70 -15.42 7.74
N PHE A 280 37.18 -14.90 8.88
CA PHE A 280 36.39 -13.95 9.65
C PHE A 280 36.11 -12.68 8.85
N ALA A 281 37.13 -12.16 8.17
CA ALA A 281 36.94 -10.97 7.34
C ALA A 281 35.97 -11.24 6.20
N ASN A 282 35.85 -12.51 5.78
CA ASN A 282 34.83 -12.86 4.80
C ASN A 282 33.44 -12.43 5.26
N SER A 283 33.19 -12.49 6.56
CA SER A 283 31.91 -12.05 7.11
C SER A 283 31.73 -10.54 7.06
N ALA A 284 32.77 -9.78 6.72
CA ALA A 284 32.65 -8.32 6.64
C ALA A 284 32.22 -7.85 5.27
N LEU A 285 32.54 -8.62 4.22
CA LEU A 285 32.20 -8.18 2.87
C LEU A 285 30.79 -8.59 2.48
N ASN A 286 30.28 -9.68 3.06
CA ASN A 286 28.93 -10.16 2.76
C ASN A 286 27.83 -9.12 2.91
N PRO A 287 27.78 -8.28 3.95
CA PRO A 287 26.77 -7.21 3.97
C PRO A 287 27.14 -6.01 3.12
N ILE A 288 28.37 -5.94 2.65
CA ILE A 288 28.77 -4.89 1.71
C ILE A 288 28.61 -5.37 0.27
N LEU A 289 29.04 -6.60 -0.01
CA LEU A 289 29.12 -7.09 -1.38
C LEU A 289 27.74 -7.47 -1.92
N TYR A 290 26.86 -7.98 -1.05
CA TYR A 290 25.50 -8.33 -1.47
C TYR A 290 24.53 -7.18 -1.32
N ASN A 291 25.00 -5.99 -0.91
CA ASN A 291 24.23 -4.76 -0.97
C ASN A 291 24.89 -3.74 -1.90
N MET A 292 25.41 -4.22 -3.02
CA MET A 292 26.22 -3.37 -3.90
C MET A 292 25.38 -2.27 -4.53
N THR A 293 24.23 -2.63 -5.12
CA THR A 293 23.39 -1.63 -5.77
C THR A 293 22.78 -0.66 -4.77
N LEU A 294 22.61 -1.07 -3.51
CA LEU A 294 21.99 -0.20 -2.53
C LEU A 294 22.88 0.99 -2.19
N CYS A 295 24.19 0.79 -2.17
CA CYS A 295 25.11 1.87 -1.82
C CYS A 295 26.40 1.69 -2.61
N ARG A 296 26.64 2.58 -3.56
CA ARG A 296 27.88 2.58 -4.33
C ARG A 296 28.89 3.56 -3.72
N ASN A 297 29.23 3.31 -2.46
CA ASN A 297 30.16 4.13 -1.69
C ASN A 297 29.71 5.60 -1.67
N SER B 1 -11.26 45.15 -34.28
CA SER B 1 -12.63 45.45 -34.68
C SER B 1 -13.59 45.29 -33.51
N GLU B 2 -14.02 44.04 -33.28
CA GLU B 2 -14.92 43.71 -32.18
C GLU B 2 -14.25 42.82 -31.15
N LEU B 3 -13.72 41.67 -31.57
CA LEU B 3 -13.04 40.78 -30.62
C LEU B 3 -11.76 41.40 -30.08
N ASP B 4 -11.05 42.18 -30.91
CA ASP B 4 -9.82 42.81 -30.45
C ASP B 4 -10.10 43.83 -29.35
N GLN B 5 -11.11 44.69 -29.56
CA GLN B 5 -11.45 45.67 -28.53
C GLN B 5 -12.07 44.99 -27.32
N LEU B 6 -12.80 43.89 -27.50
CA LEU B 6 -13.33 43.16 -26.36
C LEU B 6 -12.20 42.57 -25.52
N ARG B 7 -11.19 42.00 -26.15
CA ARG B 7 -10.06 41.46 -25.40
C ARG B 7 -9.23 42.56 -24.76
N GLN B 8 -9.14 43.73 -25.41
CA GLN B 8 -8.48 44.87 -24.79
C GLN B 8 -9.23 45.32 -23.55
N GLU B 9 -10.57 45.34 -23.62
CA GLU B 9 -11.38 45.67 -22.46
C GLU B 9 -11.18 44.66 -21.34
N ALA B 10 -11.11 43.37 -21.68
CA ALA B 10 -10.88 42.34 -20.68
C ALA B 10 -9.51 42.51 -20.02
N GLU B 11 -8.47 42.81 -20.81
CA GLU B 11 -7.14 43.04 -20.26
C GLU B 11 -7.13 44.26 -19.35
N GLN B 12 -7.82 45.33 -19.74
CA GLN B 12 -7.90 46.51 -18.89
C GLN B 12 -8.63 46.19 -17.58
N LEU B 13 -9.69 45.38 -17.66
CA LEU B 13 -10.41 44.99 -16.46
C LEU B 13 -9.52 44.18 -15.52
N LYS B 14 -8.75 43.24 -16.07
CA LYS B 14 -7.86 42.45 -15.23
C LYS B 14 -6.74 43.31 -14.65
N ASN B 15 -6.28 44.33 -15.40
CA ASN B 15 -5.32 45.27 -14.85
C ASN B 15 -5.93 46.06 -13.71
N GLN B 16 -7.21 46.44 -13.84
CA GLN B 16 -7.88 47.15 -12.76
C GLN B 16 -7.97 46.31 -11.50
N ILE B 17 -8.36 45.03 -11.65
CA ILE B 17 -8.43 44.18 -10.47
C ILE B 17 -7.03 43.95 -9.89
N ARG B 18 -6.00 43.87 -10.74
CA ARG B 18 -4.64 43.69 -10.25
C ARG B 18 -4.20 44.89 -9.42
N ASP B 19 -4.47 46.11 -9.91
CA ASP B 19 -4.06 47.28 -9.13
C ASP B 19 -4.92 47.45 -7.88
N ALA B 20 -6.18 47.02 -7.92
CA ALA B 20 -6.98 47.03 -6.70
C ALA B 20 -6.39 46.08 -5.65
N ARG B 21 -5.99 44.88 -6.08
CA ARG B 21 -5.35 43.94 -5.17
C ARG B 21 -4.04 44.53 -4.61
N LYS B 22 -3.26 45.18 -5.47
CA LYS B 22 -2.02 45.79 -5.02
C LYS B 22 -2.27 46.89 -4.00
N ALA B 23 -3.30 47.72 -4.23
CA ALA B 23 -3.59 48.81 -3.33
C ALA B 23 -4.13 48.32 -1.99
N CYS B 24 -4.92 47.24 -2.00
CA CYS B 24 -5.56 46.78 -0.77
C CYS B 24 -4.59 46.15 0.21
N ALA B 25 -3.34 45.91 -0.18
CA ALA B 25 -2.36 45.24 0.68
C ALA B 25 -1.46 46.29 1.32
N ASP B 26 -1.70 46.56 2.60
CA ASP B 26 -0.79 47.42 3.35
C ASP B 26 0.54 46.73 3.57
N ALA B 27 0.52 45.45 3.95
CA ALA B 27 1.71 44.71 4.27
C ALA B 27 1.48 43.24 3.92
N THR B 28 2.37 42.38 4.38
CA THR B 28 2.27 40.95 4.14
C THR B 28 2.16 40.22 5.48
N LEU B 29 1.98 38.91 5.40
CA LEU B 29 1.84 38.09 6.60
C LEU B 29 3.12 38.03 7.42
N SER B 30 4.26 38.45 6.87
CA SER B 30 5.52 38.34 7.60
C SER B 30 5.59 39.34 8.74
N GLN B 31 5.51 40.64 8.43
CA GLN B 31 5.67 41.65 9.46
C GLN B 31 4.54 41.62 10.47
N ILE B 32 3.33 41.23 10.05
CA ILE B 32 2.22 41.14 10.99
C ILE B 32 2.45 40.01 11.99
N THR B 33 3.03 38.90 11.55
CA THR B 33 3.28 37.74 12.39
C THR B 33 4.78 37.48 12.52
N ASN B 34 5.56 38.54 12.77
CA ASN B 34 6.99 38.40 12.95
C ASN B 34 7.39 38.22 14.40
N ASN B 35 6.64 38.80 15.33
CA ASN B 35 6.97 38.74 16.75
C ASN B 35 6.24 37.61 17.48
N ILE B 36 5.46 36.80 16.78
CA ILE B 36 4.75 35.71 17.44
C ILE B 36 5.72 34.56 17.73
N ASP B 37 5.37 33.75 18.72
CA ASP B 37 6.24 32.66 19.13
C ASP B 37 6.26 31.59 18.06
N PRO B 38 7.42 31.14 17.60
CA PRO B 38 7.48 30.07 16.61
C PRO B 38 6.95 28.77 17.16
N VAL B 39 6.43 27.94 16.27
CA VAL B 39 5.88 26.65 16.68
C VAL B 39 6.97 25.77 17.27
N GLY B 40 8.12 25.72 16.61
CA GLY B 40 9.19 24.81 17.08
C GLY B 40 9.08 23.45 16.39
N ARG B 41 10.09 22.60 16.53
CA ARG B 41 10.07 21.31 15.78
C ARG B 41 8.87 20.48 16.21
N ILE B 42 8.14 19.91 15.26
CA ILE B 42 6.96 19.05 15.57
C ILE B 42 7.34 17.59 15.36
N GLN B 43 7.65 16.89 16.45
CA GLN B 43 7.98 15.46 16.36
C GLN B 43 6.69 14.68 16.24
N MET B 44 6.57 13.91 15.17
CA MET B 44 5.36 13.12 14.89
C MET B 44 5.77 11.67 14.71
N ARG B 45 5.13 10.78 15.46
CA ARG B 45 5.46 9.37 15.45
C ARG B 45 4.38 8.58 14.74
N THR B 46 4.80 7.64 13.90
CA THR B 46 3.88 6.75 13.20
C THR B 46 3.25 5.80 14.21
N ARG B 47 2.02 6.10 14.63
CA ARG B 47 1.34 5.24 15.58
C ARG B 47 0.86 3.95 14.91
N ARG B 48 0.05 4.08 13.87
CA ARG B 48 -0.48 2.95 13.14
C ARG B 48 0.00 2.99 11.70
N THR B 49 0.19 1.81 11.12
CA THR B 49 0.53 1.65 9.71
C THR B 49 -0.51 0.72 9.11
N LEU B 50 -1.44 1.29 8.35
CA LEU B 50 -2.57 0.53 7.82
C LEU B 50 -2.15 -0.19 6.55
N ARG B 51 -1.45 -1.31 6.74
CA ARG B 51 -1.05 -2.14 5.61
C ARG B 51 -2.24 -2.92 5.08
N GLY B 52 -2.15 -3.32 3.81
CA GLY B 52 -3.19 -4.10 3.20
C GLY B 52 -3.46 -3.77 1.74
N HIS B 53 -3.15 -2.54 1.33
CA HIS B 53 -3.28 -2.19 -0.07
C HIS B 53 -2.17 -2.83 -0.88
N LEU B 54 -2.46 -3.13 -2.15
CA LEU B 54 -1.51 -3.80 -3.03
C LEU B 54 -1.11 -2.94 -4.22
N ALA B 55 -1.35 -1.64 -4.18
CA ALA B 55 -0.96 -0.74 -5.26
C ALA B 55 -0.91 0.66 -4.70
N LYS B 56 -0.52 1.61 -5.54
CA LYS B 56 -0.37 2.99 -5.09
C LYS B 56 -1.70 3.55 -4.61
N ILE B 57 -1.67 4.24 -3.48
CA ILE B 57 -2.86 4.85 -2.90
C ILE B 57 -2.96 6.28 -3.44
N TYR B 58 -4.13 6.62 -3.97
CA TYR B 58 -4.32 7.92 -4.61
C TYR B 58 -5.14 8.90 -3.80
N ALA B 59 -5.97 8.45 -2.88
CA ALA B 59 -6.75 9.39 -2.07
C ALA B 59 -7.21 8.70 -0.80
N MET B 60 -7.47 9.53 0.22
CA MET B 60 -8.07 9.07 1.45
C MET B 60 -8.91 10.20 2.04
N HIS B 61 -9.92 9.83 2.81
CA HIS B 61 -10.77 10.80 3.49
C HIS B 61 -11.11 10.30 4.89
N TRP B 62 -10.96 11.19 5.87
CA TRP B 62 -11.30 10.86 7.24
C TRP B 62 -12.80 10.95 7.46
N GLY B 63 -13.34 10.02 8.25
CA GLY B 63 -14.73 10.10 8.62
C GLY B 63 -14.99 11.26 9.57
N THR B 64 -16.28 11.56 9.75
CA THR B 64 -16.65 12.67 10.62
C THR B 64 -16.39 12.37 12.08
N ASP B 65 -16.31 11.10 12.45
CA ASP B 65 -16.04 10.71 13.83
C ASP B 65 -14.55 10.66 14.14
N SER B 66 -13.69 10.98 13.16
CA SER B 66 -12.25 11.02 13.33
C SER B 66 -11.66 9.66 13.67
N ARG B 67 -12.39 8.58 13.39
CA ARG B 67 -11.91 7.23 13.65
C ARG B 67 -11.91 6.36 12.41
N LEU B 68 -12.93 6.45 11.57
CA LEU B 68 -12.98 5.69 10.33
C LEU B 68 -12.43 6.54 9.19
N LEU B 69 -11.64 5.90 8.33
CA LEU B 69 -11.12 6.57 7.15
C LEU B 69 -11.21 5.62 5.96
N VAL B 70 -11.54 6.17 4.80
CA VAL B 70 -11.62 5.41 3.56
C VAL B 70 -10.38 5.71 2.73
N SER B 71 -9.85 4.70 2.06
CA SER B 71 -8.66 4.87 1.24
C SER B 71 -8.87 4.21 -0.10
N ALA B 72 -8.44 4.90 -1.16
CA ALA B 72 -8.60 4.44 -2.53
C ALA B 72 -7.24 4.18 -3.14
N SER B 73 -7.10 3.06 -3.84
CA SER B 73 -5.84 2.68 -4.47
C SER B 73 -6.10 2.09 -5.85
N GLN B 74 -5.08 2.15 -6.69
CA GLN B 74 -5.15 1.59 -8.05
C GLN B 74 -5.25 0.09 -8.07
N ASP B 75 -5.24 -0.57 -6.91
CA ASP B 75 -5.56 -1.99 -6.84
C ASP B 75 -6.99 -2.25 -7.32
N GLY B 76 -7.87 -1.26 -7.21
CA GLY B 76 -9.28 -1.44 -7.48
C GLY B 76 -10.06 -1.77 -6.23
N LYS B 77 -9.65 -1.22 -5.09
CA LYS B 77 -10.24 -1.53 -3.80
C LYS B 77 -10.47 -0.23 -3.05
N LEU B 78 -11.67 -0.07 -2.48
CA LEU B 78 -11.96 0.99 -1.53
C LEU B 78 -12.06 0.35 -0.16
N ILE B 79 -11.19 0.77 0.76
CA ILE B 79 -11.07 0.14 2.07
C ILE B 79 -11.39 1.17 3.14
N ILE B 80 -12.22 0.78 4.10
CA ILE B 80 -12.54 1.63 5.24
C ILE B 80 -11.81 1.08 6.44
N TRP B 81 -10.95 1.88 7.05
CA TRP B 81 -10.11 1.45 8.16
C TRP B 81 -10.69 1.91 9.48
N ASP B 82 -10.51 1.09 10.50
CA ASP B 82 -10.69 1.52 11.89
C ASP B 82 -9.33 2.00 12.37
N SER B 83 -9.09 3.31 12.27
CA SER B 83 -7.77 3.85 12.54
C SER B 83 -7.34 3.65 13.99
N TYR B 84 -8.28 3.37 14.89
CA TYR B 84 -7.91 3.15 16.29
C TYR B 84 -7.24 1.80 16.47
N THR B 85 -7.77 0.76 15.84
CA THR B 85 -7.28 -0.60 16.02
C THR B 85 -6.70 -1.22 14.75
N THR B 86 -6.61 -0.46 13.67
CA THR B 86 -6.09 -0.94 12.39
C THR B 86 -6.89 -2.17 11.95
N ASN B 87 -8.17 -1.93 11.67
CA ASN B 87 -9.09 -2.97 11.26
C ASN B 87 -9.78 -2.55 9.98
N LYS B 88 -10.01 -3.51 9.10
CA LYS B 88 -10.68 -3.25 7.82
C LYS B 88 -12.17 -3.47 8.00
N VAL B 89 -12.92 -2.38 8.19
CA VAL B 89 -14.36 -2.48 8.34
C VAL B 89 -15.00 -2.96 7.05
N HIS B 90 -14.57 -2.41 5.92
CA HIS B 90 -15.09 -2.80 4.61
C HIS B 90 -13.96 -2.77 3.59
N ALA B 91 -14.11 -3.57 2.54
CA ALA B 91 -13.20 -3.56 1.39
C ALA B 91 -14.05 -3.59 0.14
N ILE B 92 -14.41 -2.41 -0.36
CA ILE B 92 -15.30 -2.28 -1.52
C ILE B 92 -14.50 -2.50 -2.80
N PRO B 93 -14.86 -3.48 -3.63
CA PRO B 93 -14.17 -3.68 -4.91
C PRO B 93 -14.74 -2.74 -5.97
N LEU B 94 -13.90 -1.85 -6.49
CA LEU B 94 -14.36 -0.88 -7.46
C LEU B 94 -14.53 -1.50 -8.84
N ARG B 95 -15.45 -0.94 -9.61
CA ARG B 95 -15.67 -1.42 -10.98
C ARG B 95 -14.47 -1.14 -11.85
N SER B 96 -13.86 0.03 -11.72
CA SER B 96 -12.68 0.41 -12.50
C SER B 96 -11.54 0.70 -11.53
N SER B 97 -10.40 0.07 -11.75
CA SER B 97 -9.26 0.20 -10.85
C SER B 97 -8.57 1.55 -10.93
N TRP B 98 -8.87 2.36 -11.94
CA TRP B 98 -8.23 3.67 -12.10
C TRP B 98 -9.02 4.69 -11.31
N VAL B 99 -8.78 4.71 -10.00
CA VAL B 99 -9.48 5.59 -9.07
C VAL B 99 -8.49 6.62 -8.55
N MET B 100 -8.84 7.90 -8.72
CA MET B 100 -7.98 8.99 -8.31
C MET B 100 -8.55 9.82 -7.18
N THR B 101 -9.71 9.45 -6.64
CA THR B 101 -10.31 10.22 -5.56
C THR B 101 -11.25 9.33 -4.77
N CYS B 102 -11.51 9.74 -3.53
CA CYS B 102 -12.48 9.07 -2.68
C CYS B 102 -12.98 10.07 -1.66
N ALA B 103 -14.14 9.78 -1.09
CA ALA B 103 -14.75 10.70 -0.13
C ALA B 103 -15.55 9.90 0.89
N TYR B 104 -15.72 10.51 2.07
CA TYR B 104 -16.54 9.95 3.13
C TYR B 104 -17.65 10.93 3.44
N ALA B 105 -18.89 10.44 3.41
CA ALA B 105 -20.03 11.32 3.65
C ALA B 105 -20.00 11.82 5.09
N PRO B 106 -20.47 13.05 5.32
CA PRO B 106 -20.48 13.58 6.69
C PRO B 106 -21.32 12.74 7.65
N SER B 107 -22.41 12.14 7.16
CA SER B 107 -23.20 11.26 8.01
C SER B 107 -22.51 9.92 8.23
N GLY B 108 -21.64 9.52 7.32
CA GLY B 108 -20.95 8.24 7.40
C GLY B 108 -21.64 7.10 6.70
N ASN B 109 -22.84 7.32 6.16
CA ASN B 109 -23.56 6.24 5.48
C ASN B 109 -23.00 5.96 4.10
N TYR B 110 -22.39 6.95 3.45
CA TYR B 110 -22.01 6.84 2.05
C TYR B 110 -20.53 7.12 1.86
N VAL B 111 -19.95 6.51 0.83
CA VAL B 111 -18.63 6.86 0.32
C VAL B 111 -18.74 7.03 -1.18
N ALA B 112 -17.78 7.74 -1.75
CA ALA B 112 -17.75 7.99 -3.18
C ALA B 112 -16.36 7.71 -3.72
N CYS B 113 -16.31 7.37 -5.01
CA CYS B 113 -15.04 7.13 -5.67
C CYS B 113 -15.18 7.47 -7.15
N GLY B 114 -14.06 7.71 -7.79
CA GLY B 114 -14.06 8.05 -9.20
C GLY B 114 -12.64 8.14 -9.70
N GLY B 115 -12.53 8.33 -11.01
CA GLY B 115 -11.21 8.39 -11.63
C GLY B 115 -11.26 8.50 -13.14
N LEU B 116 -10.48 7.67 -13.81
CA LEU B 116 -10.38 7.73 -15.27
C LEU B 116 -11.65 7.26 -15.97
N ASP B 117 -12.61 6.69 -15.24
CA ASP B 117 -13.87 6.27 -15.84
C ASP B 117 -14.89 7.40 -15.97
N ASN B 118 -14.55 8.60 -15.51
CA ASN B 118 -15.40 9.79 -15.59
C ASN B 118 -16.70 9.64 -14.80
N ILE B 119 -16.80 8.62 -13.95
CA ILE B 119 -18.02 8.31 -13.23
C ILE B 119 -17.72 8.34 -11.74
N CYS B 120 -18.57 9.05 -10.99
CA CYS B 120 -18.45 9.13 -9.54
C CYS B 120 -19.43 8.14 -8.91
N SER B 121 -18.93 6.96 -8.56
CA SER B 121 -19.77 5.93 -7.97
C SER B 121 -19.95 6.19 -6.49
N ILE B 122 -21.17 5.99 -6.00
CA ILE B 122 -21.51 6.24 -4.60
C ILE B 122 -21.98 4.93 -3.98
N TYR B 123 -21.40 4.58 -2.84
CA TYR B 123 -21.65 3.30 -2.18
C TYR B 123 -22.40 3.52 -0.88
N ASN B 124 -23.38 2.66 -0.62
CA ASN B 124 -24.21 2.73 0.58
C ASN B 124 -23.65 1.73 1.60
N LEU B 125 -22.98 2.26 2.64
CA LEU B 125 -22.31 1.39 3.59
C LEU B 125 -23.30 0.67 4.50
N LYS B 126 -24.31 1.38 4.99
CA LYS B 126 -25.27 0.81 5.93
C LYS B 126 -26.47 0.30 5.14
N THR B 127 -26.54 -1.02 4.98
CA THR B 127 -27.61 -1.67 4.25
C THR B 127 -28.18 -2.81 5.08
N ARG B 128 -29.48 -3.07 4.89
CA ARG B 128 -30.11 -4.18 5.59
C ARG B 128 -29.56 -5.53 5.17
N GLU B 129 -28.99 -5.63 3.97
CA GLU B 129 -28.41 -6.88 3.50
C GLU B 129 -27.05 -7.16 4.10
N GLY B 130 -26.44 -6.19 4.78
CA GLY B 130 -25.19 -6.39 5.48
C GLY B 130 -23.94 -6.14 4.66
N ASN B 131 -24.07 -5.92 3.35
CA ASN B 131 -22.92 -5.65 2.50
C ASN B 131 -22.94 -4.18 2.06
N VAL B 132 -21.94 -3.81 1.28
CA VAL B 132 -21.83 -2.46 0.73
C VAL B 132 -21.95 -2.56 -0.78
N ARG B 133 -22.90 -1.81 -1.34
CA ARG B 133 -23.18 -1.86 -2.77
C ARG B 133 -23.34 -0.45 -3.31
N VAL B 134 -22.99 -0.28 -4.58
CA VAL B 134 -23.05 1.04 -5.20
C VAL B 134 -24.50 1.45 -5.39
N SER B 135 -24.82 2.67 -4.95
CA SER B 135 -26.18 3.17 -5.01
C SER B 135 -26.45 4.04 -6.23
N ARG B 136 -25.49 4.88 -6.64
CA ARG B 136 -25.68 5.77 -7.76
C ARG B 136 -24.35 6.00 -8.46
N GLU B 137 -24.31 5.75 -9.76
CA GLU B 137 -23.14 6.04 -10.59
C GLU B 137 -23.44 7.32 -11.35
N LEU B 138 -22.81 8.41 -10.94
CA LEU B 138 -23.06 9.72 -11.55
C LEU B 138 -22.21 9.86 -12.82
N ALA B 139 -22.88 10.06 -13.95
CA ALA B 139 -22.21 10.23 -15.23
C ALA B 139 -22.62 11.57 -15.85
N GLY B 140 -21.71 12.13 -16.64
CA GLY B 140 -21.94 13.44 -17.23
C GLY B 140 -20.67 14.25 -17.34
N HIS B 141 -19.60 13.76 -16.74
CA HIS B 141 -18.28 14.38 -16.88
C HIS B 141 -17.58 13.82 -18.11
N THR B 142 -16.78 14.67 -18.75
CA THR B 142 -16.04 14.25 -19.92
C THR B 142 -14.61 13.85 -19.59
N GLY B 143 -13.95 14.58 -18.69
CA GLY B 143 -12.62 14.24 -18.25
C GLY B 143 -12.63 13.37 -17.00
N TYR B 144 -11.43 12.94 -16.60
CA TYR B 144 -11.29 12.08 -15.45
C TYR B 144 -11.75 12.80 -14.19
N LEU B 145 -12.07 12.02 -13.17
CA LEU B 145 -12.49 12.56 -11.89
C LEU B 145 -11.29 12.81 -10.99
N SER B 146 -11.15 14.06 -10.52
CA SER B 146 -10.02 14.45 -9.69
C SER B 146 -10.36 14.52 -8.22
N CYS B 147 -11.49 15.11 -7.85
CA CYS B 147 -11.89 15.22 -6.46
C CYS B 147 -13.41 15.21 -6.38
N CYS B 148 -13.91 14.70 -5.26
CA CYS B 148 -15.35 14.69 -5.00
C CYS B 148 -15.56 14.85 -3.51
N ARG B 149 -16.46 15.75 -3.14
CA ARG B 149 -16.76 16.03 -1.74
C ARG B 149 -18.26 16.00 -1.54
N PHE B 150 -18.69 15.54 -0.36
CA PHE B 150 -20.10 15.39 -0.05
C PHE B 150 -20.62 16.66 0.61
N LEU B 151 -21.63 17.27 -0.01
CA LEU B 151 -22.36 18.34 0.65
C LEU B 151 -23.21 17.79 1.79
N ASP B 152 -24.19 16.95 1.43
CA ASP B 152 -25.02 16.21 2.37
C ASP B 152 -25.03 14.76 1.90
N ASP B 153 -25.92 13.95 2.47
CA ASP B 153 -26.10 12.60 1.97
C ASP B 153 -26.72 12.57 0.58
N ASN B 154 -27.23 13.70 0.09
CA ASN B 154 -27.90 13.75 -1.21
C ASN B 154 -27.18 14.61 -2.23
N GLN B 155 -26.25 15.48 -1.82
CA GLN B 155 -25.54 16.38 -2.73
C GLN B 155 -24.05 16.10 -2.65
N ILE B 156 -23.42 15.96 -3.81
CA ILE B 156 -21.98 15.75 -3.91
C ILE B 156 -21.44 16.61 -5.04
N VAL B 157 -20.35 17.33 -4.77
CA VAL B 157 -19.71 18.20 -5.74
C VAL B 157 -18.43 17.51 -6.22
N THR B 158 -18.29 17.37 -7.53
CA THR B 158 -17.14 16.71 -8.12
C THR B 158 -16.42 17.65 -9.06
N SER B 159 -15.10 17.50 -9.10
CA SER B 159 -14.24 18.25 -10.01
C SER B 159 -13.58 17.28 -10.98
N SER B 160 -13.63 17.59 -12.26
CA SER B 160 -13.18 16.68 -13.30
C SER B 160 -12.02 17.30 -14.07
N GLY B 161 -11.44 16.48 -14.95
CA GLY B 161 -10.36 16.91 -15.80
C GLY B 161 -10.75 17.64 -17.05
N ASP B 162 -12.05 17.88 -17.26
CA ASP B 162 -12.53 18.64 -18.40
C ASP B 162 -12.78 20.10 -18.06
N THR B 163 -12.01 20.66 -17.12
CA THR B 163 -12.07 22.07 -16.74
C THR B 163 -13.44 22.45 -16.17
N THR B 164 -14.17 21.49 -15.61
CA THR B 164 -15.50 21.76 -15.08
C THR B 164 -15.67 21.10 -13.72
N CYS B 165 -16.23 21.85 -12.78
CA CYS B 165 -16.75 21.31 -11.54
C CYS B 165 -18.27 21.21 -11.64
N ALA B 166 -18.86 20.32 -10.84
CA ALA B 166 -20.28 20.07 -10.95
C ALA B 166 -20.87 19.75 -9.59
N LEU B 167 -22.12 20.15 -9.39
CA LEU B 167 -22.89 19.77 -8.21
C LEU B 167 -23.94 18.75 -8.64
N TRP B 168 -24.06 17.66 -7.88
CA TRP B 168 -24.93 16.57 -8.25
C TRP B 168 -26.04 16.39 -7.22
N ASP B 169 -27.15 15.83 -7.69
CA ASP B 169 -28.25 15.39 -6.84
C ASP B 169 -28.27 13.86 -6.92
N ILE B 170 -27.85 13.21 -5.83
CA ILE B 170 -27.60 11.78 -5.87
C ILE B 170 -28.88 11.00 -6.14
N GLU B 171 -29.99 11.40 -5.51
CA GLU B 171 -31.23 10.67 -5.65
C GLU B 171 -31.74 10.66 -7.09
N THR B 172 -31.38 11.67 -7.88
CA THR B 172 -31.76 11.71 -9.30
C THR B 172 -30.60 11.45 -10.24
N GLY B 173 -29.37 11.73 -9.83
CA GLY B 173 -28.20 11.47 -10.65
C GLY B 173 -27.84 12.55 -11.64
N GLN B 174 -28.60 13.64 -11.69
CA GLN B 174 -28.37 14.71 -12.64
C GLN B 174 -27.60 15.85 -11.99
N GLN B 175 -26.79 16.53 -12.79
CA GLN B 175 -26.01 17.66 -12.30
C GLN B 175 -26.93 18.82 -11.98
N THR B 176 -27.10 19.11 -10.68
CA THR B 176 -27.89 20.26 -10.27
C THR B 176 -27.27 21.56 -10.80
N THR B 177 -25.96 21.68 -10.69
CA THR B 177 -25.23 22.83 -11.21
C THR B 177 -23.94 22.37 -11.84
N THR B 178 -23.50 23.10 -12.86
CA THR B 178 -22.22 22.85 -13.51
C THR B 178 -21.39 24.12 -13.44
N PHE B 179 -20.16 24.00 -12.95
CA PHE B 179 -19.28 25.14 -12.74
C PHE B 179 -18.24 25.17 -13.85
N THR B 180 -18.18 26.29 -14.57
CA THR B 180 -17.27 26.46 -15.69
C THR B 180 -16.49 27.76 -15.52
N GLY B 181 -15.31 27.80 -16.12
CA GLY B 181 -14.45 28.96 -16.04
C GLY B 181 -12.98 28.62 -16.00
N HIS B 182 -12.67 27.39 -15.62
CA HIS B 182 -11.29 26.92 -15.66
C HIS B 182 -10.89 26.64 -17.10
N THR B 183 -9.60 26.80 -17.40
CA THR B 183 -9.08 26.52 -18.72
C THR B 183 -8.28 25.22 -18.79
N GLY B 184 -7.70 24.79 -17.67
CA GLY B 184 -6.96 23.54 -17.61
C GLY B 184 -7.68 22.52 -16.76
N ASP B 185 -7.11 21.31 -16.72
CA ASP B 185 -7.68 20.22 -15.95
C ASP B 185 -7.78 20.62 -14.48
N VAL B 186 -8.94 20.37 -13.89
CA VAL B 186 -9.14 20.66 -12.47
C VAL B 186 -8.67 19.45 -11.65
N MET B 187 -7.83 19.71 -10.64
CA MET B 187 -7.21 18.63 -9.90
C MET B 187 -7.72 18.43 -8.49
N SER B 188 -8.30 19.45 -7.86
CA SER B 188 -8.77 19.28 -6.49
C SER B 188 -9.78 20.37 -6.16
N LEU B 189 -10.57 20.11 -5.11
CA LEU B 189 -11.54 21.06 -4.60
C LEU B 189 -11.66 20.87 -3.09
N SER B 190 -12.02 21.93 -2.39
CA SER B 190 -12.15 21.91 -0.94
C SER B 190 -13.43 22.60 -0.54
N LEU B 191 -14.36 21.85 0.06
CA LEU B 191 -15.59 22.43 0.53
C LEU B 191 -15.34 23.35 1.72
N ALA B 192 -16.13 24.40 1.83
CA ALA B 192 -15.98 25.31 2.94
C ALA B 192 -16.52 24.70 4.23
N PRO B 193 -15.99 25.10 5.39
CA PRO B 193 -16.60 24.65 6.65
C PRO B 193 -18.06 25.03 6.78
N ASP B 194 -18.44 26.21 6.29
CA ASP B 194 -19.83 26.61 6.25
C ASP B 194 -20.61 25.94 5.14
N THR B 195 -19.93 25.27 4.21
CA THR B 195 -20.53 24.39 3.21
C THR B 195 -21.22 25.17 2.10
N ARG B 196 -21.33 26.49 2.23
CA ARG B 196 -22.01 27.32 1.24
C ARG B 196 -21.11 27.73 0.07
N LEU B 197 -19.80 27.51 0.17
CA LEU B 197 -18.88 27.81 -0.93
C LEU B 197 -17.87 26.68 -1.05
N PHE B 198 -17.10 26.72 -2.12
CA PHE B 198 -15.99 25.79 -2.30
C PHE B 198 -15.04 26.33 -3.36
N VAL B 199 -13.75 26.10 -3.15
CA VAL B 199 -12.72 26.50 -4.10
C VAL B 199 -12.30 25.29 -4.91
N SER B 200 -11.57 25.55 -5.99
CA SER B 200 -11.18 24.51 -6.94
C SER B 200 -9.90 24.93 -7.64
N GLY B 201 -8.85 24.12 -7.52
CA GLY B 201 -7.57 24.41 -8.15
C GLY B 201 -7.38 23.55 -9.39
N ALA B 202 -6.93 24.18 -10.46
CA ALA B 202 -6.80 23.53 -11.76
C ALA B 202 -5.37 23.61 -12.27
N CYS B 203 -5.13 22.91 -13.37
CA CYS B 203 -3.81 22.84 -13.98
C CYS B 203 -3.36 24.16 -14.60
N ASP B 204 -4.26 25.14 -14.72
CA ASP B 204 -3.91 26.44 -15.29
C ASP B 204 -3.30 27.39 -14.27
N ALA B 205 -2.78 26.86 -13.17
CA ALA B 205 -2.12 27.67 -12.12
C ALA B 205 -3.07 28.71 -11.53
N SER B 206 -4.35 28.35 -11.41
CA SER B 206 -5.34 29.25 -10.85
C SER B 206 -6.31 28.47 -9.98
N ALA B 207 -6.84 29.15 -8.97
CA ALA B 207 -7.85 28.59 -8.07
C ALA B 207 -9.05 29.51 -8.06
N LYS B 208 -10.24 28.94 -8.24
CA LYS B 208 -11.47 29.70 -8.34
C LYS B 208 -12.40 29.35 -7.19
N LEU B 209 -12.95 30.37 -6.54
CA LEU B 209 -13.91 30.19 -5.46
C LEU B 209 -15.32 30.30 -6.04
N TRP B 210 -16.11 29.25 -5.86
CA TRP B 210 -17.44 29.17 -6.45
C TRP B 210 -18.51 29.33 -5.37
N ASP B 211 -19.76 29.35 -5.81
CA ASP B 211 -20.92 29.32 -4.93
C ASP B 211 -21.78 28.14 -5.36
N VAL B 212 -22.04 27.22 -4.43
CA VAL B 212 -22.80 26.03 -4.77
C VAL B 212 -24.23 26.38 -5.13
N ARG B 213 -24.81 27.38 -4.46
CA ARG B 213 -26.19 27.76 -4.70
C ARG B 213 -26.34 28.65 -5.93
N GLU B 214 -25.56 29.71 -6.04
CA GLU B 214 -25.68 30.61 -7.18
C GLU B 214 -25.26 29.91 -8.47
N GLY B 215 -24.09 29.27 -8.48
CA GLY B 215 -23.69 28.40 -9.55
C GLY B 215 -22.54 28.89 -10.42
N MET B 216 -21.94 30.03 -10.11
CA MET B 216 -20.82 30.53 -10.90
C MET B 216 -19.73 31.08 -9.98
N CYS B 217 -18.52 31.16 -10.53
CA CYS B 217 -17.36 31.56 -9.76
C CYS B 217 -17.49 33.00 -9.27
N ARG B 218 -16.97 33.23 -8.06
CA ARG B 218 -16.95 34.56 -7.45
C ARG B 218 -15.60 35.24 -7.55
N GLN B 219 -14.52 34.54 -7.19
CA GLN B 219 -13.19 35.11 -7.18
C GLN B 219 -12.22 34.14 -7.84
N THR B 220 -11.14 34.69 -8.39
CA THR B 220 -10.08 33.88 -8.96
C THR B 220 -8.74 34.29 -8.33
N PHE B 221 -7.85 33.33 -8.19
CA PHE B 221 -6.56 33.55 -7.55
C PHE B 221 -5.46 32.98 -8.43
N THR B 222 -4.43 33.79 -8.66
CA THR B 222 -3.27 33.39 -9.45
C THR B 222 -2.01 33.66 -8.65
N GLY B 223 -0.89 33.13 -9.13
CA GLY B 223 0.35 33.28 -8.37
C GLY B 223 1.24 32.09 -8.61
N HIS B 224 0.62 30.95 -8.89
CA HIS B 224 1.45 29.73 -9.04
C HIS B 224 2.09 29.74 -10.43
N GLU B 225 3.11 28.92 -10.63
CA GLU B 225 3.85 28.93 -11.91
C GLU B 225 3.63 27.59 -12.61
N SER B 226 2.79 26.74 -12.04
CA SER B 226 2.56 25.43 -12.62
C SER B 226 1.21 24.91 -12.13
N ASP B 227 0.98 23.62 -12.36
CA ASP B 227 -0.30 23.01 -12.01
C ASP B 227 -0.54 23.09 -10.51
N ILE B 228 -1.81 23.26 -10.13
CA ILE B 228 -2.22 23.20 -8.73
C ILE B 228 -2.69 21.78 -8.46
N ASN B 229 -2.01 21.10 -7.55
CA ASN B 229 -2.24 19.67 -7.34
C ASN B 229 -3.24 19.36 -6.24
N ALA B 230 -3.29 20.19 -5.19
CA ALA B 230 -4.24 19.95 -4.12
C ALA B 230 -4.51 21.27 -3.39
N ILE B 231 -5.70 21.36 -2.80
CA ILE B 231 -6.16 22.59 -2.19
C ILE B 231 -6.91 22.23 -0.91
N CYS B 232 -7.01 23.18 0.01
CA CYS B 232 -7.67 22.93 1.29
C CYS B 232 -8.07 24.26 1.92
N PHE B 233 -9.27 24.30 2.48
CA PHE B 233 -9.74 25.49 3.17
C PHE B 233 -9.08 25.65 4.53
N PHE B 234 -8.93 26.91 4.95
CA PHE B 234 -8.60 27.21 6.33
C PHE B 234 -9.77 26.79 7.22
N PRO B 235 -9.49 26.39 8.46
CA PRO B 235 -10.58 25.92 9.33
C PRO B 235 -11.70 26.92 9.53
N ASN B 236 -11.40 28.23 9.49
CA ASN B 236 -12.46 29.22 9.64
C ASN B 236 -13.21 29.50 8.36
N GLY B 237 -12.72 29.00 7.22
CA GLY B 237 -13.39 29.18 5.95
C GLY B 237 -13.14 30.50 5.26
N ASN B 238 -12.28 31.36 5.80
CA ASN B 238 -11.97 32.65 5.21
C ASN B 238 -10.62 32.65 4.49
N ALA B 239 -10.02 31.49 4.29
CA ALA B 239 -8.75 31.38 3.58
C ALA B 239 -8.58 29.95 3.10
N PHE B 240 -7.62 29.75 2.21
CA PHE B 240 -7.31 28.41 1.73
C PHE B 240 -5.87 28.39 1.25
N ALA B 241 -5.31 27.18 1.18
CA ALA B 241 -3.93 26.98 0.77
C ALA B 241 -3.90 26.01 -0.40
N THR B 242 -2.99 26.27 -1.34
CA THR B 242 -2.86 25.47 -2.54
C THR B 242 -1.48 24.82 -2.58
N GLY B 243 -1.43 23.59 -3.08
CA GLY B 243 -0.16 22.92 -3.28
C GLY B 243 0.10 22.65 -4.75
N SER B 244 1.11 23.28 -5.30
CA SER B 244 1.34 23.27 -6.74
C SER B 244 2.52 22.37 -7.10
N ASP B 245 2.73 22.21 -8.40
CA ASP B 245 3.78 21.38 -8.94
C ASP B 245 5.13 22.07 -9.02
N ASP B 246 5.17 23.39 -8.80
CA ASP B 246 6.42 24.14 -8.81
C ASP B 246 7.04 24.27 -7.42
N ALA B 247 6.78 23.29 -6.55
CA ALA B 247 7.42 23.19 -5.24
C ALA B 247 7.20 24.43 -4.40
N THR B 248 5.97 24.94 -4.38
CA THR B 248 5.62 26.03 -3.48
C THR B 248 4.16 25.93 -3.13
N CYS B 249 3.83 26.22 -1.87
CA CYS B 249 2.47 26.38 -1.40
C CYS B 249 2.16 27.85 -1.21
N ARG B 250 0.89 28.18 -1.22
CA ARG B 250 0.47 29.57 -1.11
C ARG B 250 -0.82 29.66 -0.32
N LEU B 251 -0.93 30.69 0.51
CA LEU B 251 -2.10 30.92 1.35
C LEU B 251 -2.85 32.13 0.81
N PHE B 252 -4.06 31.89 0.30
CA PHE B 252 -4.89 32.93 -0.27
C PHE B 252 -5.99 33.32 0.71
N ASP B 253 -6.31 34.60 0.76
CA ASP B 253 -7.34 35.13 1.64
C ASP B 253 -8.55 35.52 0.79
N LEU B 254 -9.71 34.95 1.11
CA LEU B 254 -10.90 35.21 0.31
C LEU B 254 -11.33 36.66 0.39
N ARG B 255 -11.29 37.26 1.58
CA ARG B 255 -11.74 38.63 1.73
C ARG B 255 -10.74 39.61 1.14
N ALA B 256 -9.44 39.34 1.29
CA ALA B 256 -8.42 40.18 0.68
C ALA B 256 -8.21 39.87 -0.80
N ASP B 257 -8.71 38.72 -1.27
CA ASP B 257 -8.69 38.33 -2.68
C ASP B 257 -7.28 38.22 -3.24
N GLN B 258 -6.28 37.90 -2.42
CA GLN B 258 -4.93 37.74 -2.91
C GLN B 258 -4.13 36.89 -1.94
N GLU B 259 -2.99 36.40 -2.41
CA GLU B 259 -2.13 35.55 -1.61
C GLU B 259 -1.55 36.33 -0.43
N LEU B 260 -1.26 35.61 0.65
CA LEU B 260 -0.67 36.20 1.84
C LEU B 260 0.71 35.66 2.17
N MET B 261 0.98 34.40 1.89
CA MET B 261 2.25 33.80 2.28
C MET B 261 2.56 32.65 1.34
N THR B 262 3.84 32.44 1.07
CA THR B 262 4.30 31.33 0.24
C THR B 262 5.24 30.46 1.05
N TYR B 263 5.09 29.15 0.94
CA TYR B 263 5.86 28.19 1.71
C TYR B 263 6.80 27.45 0.76
N SER B 264 8.01 27.96 0.61
CA SER B 264 8.97 27.40 -0.33
C SER B 264 10.32 27.27 0.35
N HIS B 265 11.10 26.30 -0.12
CA HIS B 265 12.45 26.07 0.37
C HIS B 265 13.33 25.62 -0.79
N ASP B 266 14.57 26.09 -0.80
CA ASP B 266 15.48 25.76 -1.89
C ASP B 266 15.88 24.29 -1.90
N ASN B 267 15.74 23.60 -0.77
CA ASN B 267 16.11 22.19 -0.73
C ASN B 267 15.11 21.33 -1.47
N ILE B 268 13.84 21.72 -1.50
CA ILE B 268 12.77 20.94 -2.11
C ILE B 268 12.44 21.54 -3.47
N ILE B 269 12.49 20.69 -4.50
CA ILE B 269 12.18 21.12 -5.89
C ILE B 269 11.02 20.25 -6.38
N CYS B 270 10.61 19.26 -5.58
CA CYS B 270 9.48 18.37 -5.91
C CYS B 270 8.15 19.10 -5.68
N GLY B 271 7.06 18.66 -6.30
CA GLY B 271 5.77 19.35 -6.16
C GLY B 271 4.91 18.84 -5.03
N ILE B 272 4.02 19.68 -4.51
CA ILE B 272 3.15 19.30 -3.37
C ILE B 272 1.95 18.52 -3.89
N THR B 273 1.87 17.23 -3.62
CA THR B 273 0.77 16.41 -4.09
C THR B 273 -0.51 16.63 -3.27
N SER B 274 -0.37 16.88 -1.98
CA SER B 274 -1.52 17.05 -1.09
C SER B 274 -1.20 18.03 0.00
N VAL B 275 -2.21 18.82 0.40
CA VAL B 275 -2.08 19.74 1.52
C VAL B 275 -3.23 19.48 2.49
N SER B 276 -3.01 19.84 3.74
CA SER B 276 -4.02 19.72 4.77
C SER B 276 -3.70 20.72 5.87
N PHE B 277 -4.73 21.15 6.59
CA PHE B 277 -4.60 22.13 7.65
C PHE B 277 -4.84 21.48 8.99
N SER B 278 -4.14 21.98 10.01
CA SER B 278 -4.36 21.48 11.36
C SER B 278 -5.67 22.03 11.91
N LYS B 279 -6.13 21.44 13.02
CA LYS B 279 -7.43 21.79 13.56
C LYS B 279 -7.51 23.25 13.96
N SER B 280 -6.39 23.85 14.37
CA SER B 280 -6.36 25.26 14.71
C SER B 280 -5.96 26.15 13.54
N GLY B 281 -5.59 25.56 12.41
CA GLY B 281 -5.09 26.35 11.30
C GLY B 281 -3.68 26.86 11.48
N ARG B 282 -2.94 26.32 12.45
CA ARG B 282 -1.59 26.76 12.73
C ARG B 282 -0.53 25.97 11.98
N LEU B 283 -0.75 24.69 11.75
CA LEU B 283 0.19 23.84 11.01
C LEU B 283 -0.45 23.48 9.68
N LEU B 284 0.16 23.91 8.58
CA LEU B 284 -0.31 23.48 7.24
C LEU B 284 0.57 22.30 6.88
N LEU B 285 0.02 21.13 6.70
CA LEU B 285 0.95 20.05 6.34
C LEU B 285 0.89 19.95 4.83
N ALA B 286 1.86 19.29 4.22
CA ALA B 286 1.90 19.27 2.74
C ALA B 286 2.67 18.05 2.28
N GLY B 287 2.02 17.18 1.54
CA GLY B 287 2.71 16.00 1.03
C GLY B 287 3.49 16.31 -0.22
N TYR B 288 4.77 15.97 -0.24
CA TYR B 288 5.62 16.29 -1.40
C TYR B 288 5.92 15.01 -2.17
N ASP B 289 6.44 15.11 -3.38
CA ASP B 289 6.79 13.93 -4.21
C ASP B 289 8.15 13.38 -3.80
N ASP B 290 8.83 14.04 -2.85
CA ASP B 290 10.20 13.64 -2.43
C ASP B 290 10.10 12.46 -1.48
N PHE B 291 8.90 11.89 -1.32
CA PHE B 291 8.64 10.73 -0.45
C PHE B 291 8.43 11.23 0.98
N ASN B 292 8.61 12.53 1.18
CA ASN B 292 8.46 13.10 2.50
C ASN B 292 7.08 13.76 2.62
N CYS B 293 6.85 14.43 3.75
CA CYS B 293 5.62 15.19 3.95
C CYS B 293 5.93 16.25 4.99
N ASN B 294 6.18 17.47 4.54
CA ASN B 294 6.57 18.53 5.45
C ASN B 294 5.40 18.98 6.31
N VAL B 295 5.71 19.76 7.34
CA VAL B 295 4.71 20.32 8.24
C VAL B 295 5.02 21.81 8.35
N TRP B 296 4.37 22.62 7.53
CA TRP B 296 4.67 24.04 7.49
C TRP B 296 3.89 24.80 8.55
N ASP B 297 4.54 25.78 9.15
CA ASP B 297 3.90 26.68 10.09
C ASP B 297 3.23 27.79 9.28
N ALA B 298 1.89 27.81 9.31
CA ALA B 298 1.15 28.64 8.37
C ALA B 298 1.42 30.12 8.57
N LEU B 299 1.52 30.58 9.82
CA LEU B 299 1.62 32.00 10.09
C LEU B 299 3.03 32.55 9.94
N LYS B 300 4.05 31.70 9.77
CA LYS B 300 5.42 32.18 9.66
C LYS B 300 6.20 31.58 8.49
N ALA B 301 5.63 30.63 7.76
CA ALA B 301 6.28 30.06 6.57
C ALA B 301 7.62 29.42 6.91
N ASP B 302 7.75 28.90 8.13
CA ASP B 302 8.96 28.24 8.58
C ASP B 302 8.67 26.76 8.73
N ARG B 303 9.42 25.93 8.01
CA ARG B 303 9.23 24.49 8.12
C ARG B 303 9.49 24.02 9.53
N ALA B 304 8.58 23.21 10.06
CA ALA B 304 8.67 22.71 11.43
C ALA B 304 8.26 21.23 11.41
N GLY B 305 9.22 20.34 11.26
CA GLY B 305 8.97 18.92 11.31
C GLY B 305 8.71 18.33 9.93
N VAL B 306 9.07 17.06 9.80
CA VAL B 306 8.94 16.32 8.54
C VAL B 306 8.43 14.93 8.84
N LEU B 307 7.45 14.47 8.06
CA LEU B 307 6.93 13.11 8.20
C LEU B 307 7.59 12.22 7.16
N ALA B 308 8.88 11.95 7.40
CA ALA B 308 9.77 11.46 6.35
C ALA B 308 9.63 9.97 6.06
N GLY B 309 8.90 9.21 6.86
CA GLY B 309 8.89 7.78 6.68
C GLY B 309 7.86 7.23 5.72
N HIS B 310 8.04 7.40 4.41
CA HIS B 310 7.09 6.86 3.44
C HIS B 310 7.71 6.10 2.27
N ASP B 311 8.96 6.34 1.91
CA ASP B 311 9.68 5.52 0.92
C ASP B 311 9.18 5.77 -0.50
N ASN B 312 8.07 6.48 -0.66
CA ASN B 312 7.57 6.77 -2.00
C ASN B 312 6.69 8.01 -1.94
N ARG B 313 6.26 8.46 -3.11
CA ARG B 313 5.55 9.73 -3.24
C ARG B 313 4.28 9.73 -2.38
N VAL B 314 4.14 10.76 -1.56
CA VAL B 314 2.97 10.90 -0.71
C VAL B 314 1.84 11.50 -1.55
N SER B 315 0.75 10.74 -1.72
CA SER B 315 -0.32 11.17 -2.61
C SER B 315 -1.50 11.78 -1.87
N CYS B 316 -1.82 11.30 -0.67
CA CYS B 316 -2.94 11.82 0.09
C CYS B 316 -2.50 12.17 1.50
N LEU B 317 -3.26 13.07 2.14
CA LEU B 317 -2.89 13.61 3.44
C LEU B 317 -4.13 14.17 4.09
N GLY B 318 -4.50 13.65 5.25
CA GLY B 318 -5.71 14.10 5.93
C GLY B 318 -5.57 14.26 7.42
N VAL B 319 -6.05 15.37 7.95
CA VAL B 319 -6.05 15.66 9.37
C VAL B 319 -7.46 15.42 9.90
N THR B 320 -7.56 14.76 11.05
CA THR B 320 -8.84 14.40 11.62
C THR B 320 -9.68 15.65 11.91
N ASP B 321 -10.98 15.43 12.13
CA ASP B 321 -11.87 16.55 12.43
C ASP B 321 -11.55 17.17 13.78
N ASP B 322 -11.14 16.36 14.75
CA ASP B 322 -10.72 16.87 16.05
C ASP B 322 -9.24 17.17 16.11
N GLY B 323 -8.50 16.95 15.02
CA GLY B 323 -7.09 17.23 14.98
C GLY B 323 -6.22 16.24 15.72
N MET B 324 -6.80 15.16 16.19
CA MET B 324 -5.99 14.24 17.01
C MET B 324 -4.92 13.60 16.15
N ALA B 325 -5.19 13.35 14.87
CA ALA B 325 -4.22 12.60 14.07
C ALA B 325 -4.05 13.17 12.67
N VAL B 326 -3.04 12.71 11.96
CA VAL B 326 -2.78 13.11 10.55
C VAL B 326 -2.48 11.82 9.82
N ALA B 327 -3.31 11.40 8.90
CA ALA B 327 -2.93 10.19 8.15
C ALA B 327 -2.32 10.64 6.87
N THR B 328 -1.42 9.83 6.33
CA THR B 328 -0.75 10.18 5.07
C THR B 328 -0.68 8.92 4.25
N GLY B 329 -0.93 9.00 2.96
CA GLY B 329 -0.96 7.79 2.14
C GLY B 329 0.06 7.93 1.06
N SER B 330 0.54 6.82 0.52
CA SER B 330 1.62 6.98 -0.45
C SER B 330 1.57 5.90 -1.50
N TRP B 331 2.45 5.99 -2.47
CA TRP B 331 2.43 5.04 -3.56
C TRP B 331 3.03 3.69 -3.20
N ASP B 332 3.50 3.52 -1.98
CA ASP B 332 3.97 2.22 -1.52
C ASP B 332 2.88 1.39 -0.88
N SER B 333 1.63 1.84 -0.97
CA SER B 333 0.45 1.09 -0.53
C SER B 333 0.31 1.03 0.98
N PHE B 334 0.86 2.01 1.70
CA PHE B 334 0.76 2.03 3.15
C PHE B 334 0.33 3.41 3.63
N LEU B 335 -0.69 3.45 4.45
CA LEU B 335 -1.09 4.66 5.16
C LEU B 335 -0.47 4.65 6.55
N LYS B 336 -0.12 5.82 7.05
CA LYS B 336 0.49 5.95 8.36
C LYS B 336 -0.22 7.05 9.14
N ILE B 337 -0.48 6.78 10.41
CA ILE B 337 -1.19 7.70 11.29
C ILE B 337 -0.18 8.34 12.22
N TRP B 338 -0.20 9.67 12.29
CA TRP B 338 0.79 10.43 13.05
C TRP B 338 0.11 11.34 14.04
N ASN B 339 0.80 11.61 15.15
CA ASN B 339 0.37 12.63 16.10
C ASN B 339 1.52 12.92 17.06
N GLY B 340 1.64 14.18 17.46
CA GLY B 340 2.74 14.57 18.33
C GLY B 340 2.53 14.09 19.76
N SER B 341 3.64 13.90 20.46
CA SER B 341 3.64 13.46 21.85
C SER B 341 4.59 14.31 22.66
N SER B 342 4.31 14.42 23.95
CA SER B 342 5.13 15.22 24.85
C SER B 342 6.00 14.35 25.74
N THR C 1 -18.49 31.40 -35.29
CA THR C 1 -17.60 32.34 -34.62
C THR C 1 -17.89 32.38 -33.12
N ALA C 2 -17.30 31.44 -32.38
CA ALA C 2 -17.48 31.38 -30.94
C ALA C 2 -16.48 32.24 -30.17
N SER C 3 -15.48 32.80 -30.84
CA SER C 3 -14.48 33.62 -30.15
C SER C 3 -15.13 34.86 -29.55
N ILE C 4 -16.05 35.50 -30.27
CA ILE C 4 -16.72 36.69 -29.75
C ILE C 4 -17.54 36.35 -28.52
N ALA C 5 -18.25 35.22 -28.56
CA ALA C 5 -19.05 34.80 -27.40
C ALA C 5 -18.17 34.48 -26.20
N GLN C 6 -17.04 33.80 -26.43
CA GLN C 6 -16.13 33.51 -25.34
C GLN C 6 -15.55 34.78 -24.74
N ALA C 7 -15.18 35.74 -25.60
CA ALA C 7 -14.67 37.01 -25.09
C ALA C 7 -15.73 37.75 -24.30
N ARG C 8 -16.97 37.74 -24.77
CA ARG C 8 -18.05 38.40 -24.04
C ARG C 8 -18.27 37.77 -22.68
N LYS C 9 -18.29 36.43 -22.61
CA LYS C 9 -18.53 35.78 -21.34
C LYS C 9 -17.36 35.97 -20.38
N LEU C 10 -16.12 35.99 -20.91
CA LEU C 10 -14.97 36.29 -20.06
C LEU C 10 -15.02 37.71 -19.55
N VAL C 11 -15.47 38.66 -20.39
CA VAL C 11 -15.60 40.04 -19.95
C VAL C 11 -16.65 40.15 -18.85
N GLU C 12 -17.78 39.45 -19.01
CA GLU C 12 -18.81 39.48 -17.96
C GLU C 12 -18.30 38.86 -16.66
N GLN C 13 -17.55 37.76 -16.75
CA GLN C 13 -17.01 37.13 -15.56
C GLN C 13 -16.01 38.05 -14.85
N LEU C 14 -15.14 38.70 -15.61
CA LEU C 14 -14.20 39.64 -15.01
C LEU C 14 -14.92 40.85 -14.43
N LYS C 15 -16.03 41.26 -15.05
CA LYS C 15 -16.84 42.33 -14.51
C LYS C 15 -17.41 41.95 -13.15
N MET C 16 -17.94 40.73 -13.04
CA MET C 16 -18.52 40.30 -11.77
C MET C 16 -17.44 40.06 -10.72
N GLU C 17 -16.24 39.71 -11.14
CA GLU C 17 -15.14 39.53 -10.20
C GLU C 17 -14.57 40.86 -9.71
N ALA C 18 -14.57 41.89 -10.58
CA ALA C 18 -13.97 43.16 -10.22
C ALA C 18 -14.75 43.87 -9.12
N ASN C 19 -16.08 43.85 -9.21
CA ASN C 19 -16.94 44.57 -8.27
C ASN C 19 -17.16 43.70 -7.02
N ILE C 20 -16.10 43.59 -6.23
CA ILE C 20 -16.12 42.80 -5.01
C ILE C 20 -15.53 43.65 -3.88
N ASP C 21 -16.25 43.72 -2.76
CA ASP C 21 -15.77 44.44 -1.59
C ASP C 21 -14.56 43.71 -1.02
N ARG C 22 -13.38 44.28 -1.17
CA ARG C 22 -12.14 43.68 -0.71
C ARG C 22 -11.67 44.40 0.55
N ILE C 23 -11.36 43.63 1.60
CA ILE C 23 -10.85 44.24 2.86
C ILE C 23 -9.32 44.30 2.82
N LYS C 24 -8.71 45.11 3.69
CA LYS C 24 -7.24 45.29 3.68
C LYS C 24 -6.55 44.05 4.24
N VAL C 25 -5.37 43.72 3.71
CA VAL C 25 -4.60 42.55 4.21
C VAL C 25 -4.36 42.73 5.71
N SER C 26 -4.00 43.94 6.15
CA SER C 26 -3.67 44.08 7.56
C SER C 26 -4.86 43.76 8.45
N LYS C 27 -6.06 44.09 8.01
CA LYS C 27 -7.28 43.71 8.73
C LYS C 27 -7.73 42.29 8.41
N ALA C 28 -7.14 41.65 7.41
CA ALA C 28 -7.47 40.27 7.05
C ALA C 28 -6.41 39.27 7.48
N ALA C 29 -5.15 39.70 7.62
CA ALA C 29 -4.13 38.79 8.12
C ALA C 29 -4.23 38.59 9.62
N ALA C 30 -4.70 39.61 10.35
CA ALA C 30 -4.84 39.49 11.79
C ALA C 30 -5.95 38.53 12.19
N ASP C 31 -6.94 38.30 11.33
CA ASP C 31 -7.99 37.34 11.64
C ASP C 31 -7.44 35.92 11.71
N LEU C 32 -6.50 35.58 10.83
CA LEU C 32 -5.88 34.27 10.90
C LEU C 32 -5.09 34.10 12.19
N MET C 33 -4.37 35.14 12.61
CA MET C 33 -3.67 35.10 13.88
C MET C 33 -4.65 34.91 15.03
N ALA C 34 -5.77 35.64 15.00
CA ALA C 34 -6.77 35.50 16.05
C ALA C 34 -7.33 34.09 16.11
N TYR C 35 -7.64 33.51 14.94
CA TYR C 35 -8.17 32.16 14.92
C TYR C 35 -7.17 31.15 15.43
N CYS C 36 -5.90 31.27 15.02
CA CYS C 36 -4.89 30.33 15.48
C CYS C 36 -4.61 30.48 16.97
N GLU C 37 -4.67 31.70 17.49
CA GLU C 37 -4.43 31.91 18.92
C GLU C 37 -5.60 31.39 19.75
N ALA C 38 -6.83 31.63 19.30
CA ALA C 38 -8.00 31.23 20.05
C ALA C 38 -8.24 29.71 20.05
N HIS C 39 -7.55 28.97 19.18
CA HIS C 39 -7.71 27.53 19.10
C HIS C 39 -6.40 26.79 19.35
N ALA C 40 -5.41 27.46 19.95
CA ALA C 40 -4.12 26.83 20.18
C ALA C 40 -4.22 25.66 21.15
N LYS C 41 -5.00 25.81 22.22
CA LYS C 41 -5.06 24.78 23.25
C LYS C 41 -5.88 23.57 22.82
N GLU C 42 -6.75 23.70 21.83
CA GLU C 42 -7.58 22.60 21.37
C GLU C 42 -6.95 21.82 20.23
N ASP C 43 -5.72 22.18 19.83
CA ASP C 43 -5.06 21.50 18.73
C ASP C 43 -4.11 20.45 19.28
N PRO C 44 -4.38 19.16 19.07
CA PRO C 44 -3.52 18.11 19.62
C PRO C 44 -2.30 17.79 18.77
N LEU C 45 -2.03 18.55 17.72
CA LEU C 45 -0.76 18.44 16.99
C LEU C 45 0.17 19.62 17.24
N LEU C 46 -0.37 20.84 17.26
CA LEU C 46 0.44 21.99 17.62
C LEU C 46 0.87 21.92 19.08
N THR C 47 -0.06 21.64 19.99
CA THR C 47 0.22 21.42 21.40
C THR C 47 -0.27 20.02 21.76
N PRO C 48 0.61 19.01 21.73
CA PRO C 48 0.16 17.63 21.94
C PRO C 48 -0.48 17.43 23.30
N VAL C 49 -1.53 16.62 23.32
CA VAL C 49 -2.22 16.23 24.55
C VAL C 49 -1.47 15.07 25.18
N PRO C 50 -1.63 14.80 26.48
CA PRO C 50 -0.83 13.75 27.12
C PRO C 50 -1.09 12.38 26.53
N ALA C 51 -0.06 11.53 26.57
CA ALA C 51 -0.13 10.21 25.96
C ALA C 51 -1.22 9.35 26.54
N SER C 52 -1.69 9.65 27.76
CA SER C 52 -2.82 8.93 28.33
C SER C 52 -4.14 9.31 27.68
N GLU C 53 -4.17 10.35 26.85
CA GLU C 53 -5.38 10.79 26.18
C GLU C 53 -5.38 10.54 24.68
N ASN C 54 -4.23 10.23 24.09
CA ASN C 54 -4.18 9.93 22.66
C ASN C 54 -4.88 8.60 22.40
N PRO C 55 -5.89 8.56 21.54
CA PRO C 55 -6.50 7.28 21.20
C PRO C 55 -5.57 6.34 20.45
N PHE C 56 -4.50 6.86 19.85
CA PHE C 56 -3.57 6.08 19.06
C PHE C 56 -2.34 5.65 19.86
N ARG C 57 -2.49 5.49 21.17
CA ARG C 57 -1.37 5.09 22.02
C ARG C 57 -0.88 3.69 21.68
N VAL D 1 -8.81 -7.05 24.51
CA VAL D 1 -9.91 -6.86 23.56
C VAL D 1 -11.16 -7.59 24.06
N SER D 2 -12.31 -7.10 23.63
CA SER D 2 -13.57 -7.71 24.00
C SER D 2 -13.99 -8.74 22.94
N ALA D 3 -15.16 -9.34 23.14
CA ALA D 3 -15.66 -10.31 22.17
C ALA D 3 -15.95 -9.65 20.83
N GLU D 4 -16.57 -8.47 20.86
CA GLU D 4 -16.87 -7.75 19.62
C GLU D 4 -15.60 -7.27 18.94
N ASP D 5 -14.62 -6.80 19.71
CA ASP D 5 -13.34 -6.41 19.12
C ASP D 5 -12.62 -7.62 18.53
N LYS D 6 -12.70 -8.77 19.20
CA LYS D 6 -12.10 -9.98 18.66
C LYS D 6 -12.75 -10.38 17.34
N ALA D 7 -14.08 -10.32 17.28
CA ALA D 7 -14.76 -10.66 16.04
C ALA D 7 -14.49 -9.65 14.94
N ALA D 8 -14.34 -8.37 15.29
CA ALA D 8 -13.96 -7.38 14.30
C ALA D 8 -12.56 -7.65 13.76
N ALA D 9 -11.63 -8.05 14.63
CA ALA D 9 -10.29 -8.39 14.16
C ALA D 9 -10.32 -9.63 13.26
N GLU D 10 -11.16 -10.61 13.60
CA GLU D 10 -11.31 -11.77 12.73
C GLU D 10 -11.86 -11.37 11.36
N ARG D 11 -12.85 -10.46 11.35
CA ARG D 11 -13.38 -9.97 10.09
C ARG D 11 -12.31 -9.25 9.28
N SER D 12 -11.48 -8.44 9.94
CA SER D 12 -10.40 -7.76 9.24
C SER D 12 -9.40 -8.75 8.67
N LYS D 13 -9.13 -9.84 9.38
CA LYS D 13 -8.22 -10.86 8.86
C LYS D 13 -8.82 -11.56 7.65
N MET D 14 -10.14 -11.81 7.66
CA MET D 14 -10.79 -12.38 6.49
C MET D 14 -10.71 -11.42 5.31
N ILE D 15 -10.90 -10.12 5.56
CA ILE D 15 -10.77 -9.12 4.52
C ILE D 15 -9.36 -9.11 3.95
N ASP D 16 -8.36 -9.22 4.82
CA ASP D 16 -6.97 -9.29 4.38
C ASP D 16 -6.71 -10.51 3.51
N LYS D 17 -7.27 -11.66 3.89
CA LYS D 17 -7.09 -12.87 3.09
C LYS D 17 -7.69 -12.70 1.70
N ASN D 18 -8.91 -12.14 1.63
CA ASN D 18 -9.53 -11.92 0.33
C ASN D 18 -8.73 -10.91 -0.50
N LEU D 19 -8.21 -9.86 0.14
CA LEU D 19 -7.39 -8.88 -0.56
C LEU D 19 -6.13 -9.52 -1.13
N ARG D 20 -5.45 -10.35 -0.34
CA ARG D 20 -4.24 -11.00 -0.83
C ARG D 20 -4.55 -11.94 -1.98
N GLU D 21 -5.68 -12.67 -1.90
CA GLU D 21 -6.07 -13.54 -3.01
C GLU D 21 -6.31 -12.72 -4.28
N ASP D 22 -7.01 -11.58 -4.15
CA ASP D 22 -7.26 -10.74 -5.31
C ASP D 22 -5.97 -10.19 -5.90
N GLY D 23 -5.05 -9.75 -5.03
CA GLY D 23 -3.78 -9.24 -5.52
C GLY D 23 -2.94 -10.29 -6.22
N GLU D 24 -2.92 -11.50 -5.67
CA GLU D 24 -2.20 -12.59 -6.34
C GLU D 24 -2.83 -12.92 -7.69
N LYS D 25 -4.17 -12.89 -7.76
CA LYS D 25 -4.83 -13.14 -9.04
C LYS D 25 -4.51 -12.06 -10.07
N ALA D 26 -4.47 -10.81 -9.64
CA ALA D 26 -4.29 -9.69 -10.57
C ALA D 26 -2.83 -9.39 -10.87
N ARG D 27 -1.88 -9.98 -10.13
CA ARG D 27 -0.47 -9.72 -10.39
C ARG D 27 0.05 -10.50 -11.60
N ARG D 28 -0.57 -11.64 -11.93
CA ARG D 28 -0.08 -12.48 -13.02
C ARG D 28 -0.18 -11.82 -14.38
N THR D 29 -1.09 -10.86 -14.55
CA THR D 29 -1.29 -10.21 -15.84
C THR D 29 -0.29 -9.08 -16.04
N LEU D 30 -0.08 -8.71 -17.29
CA LEU D 30 0.82 -7.64 -17.66
C LEU D 30 0.02 -6.47 -18.22
N ARG D 31 0.22 -5.30 -17.63
CA ARG D 31 -0.55 -4.11 -17.97
C ARG D 31 0.26 -3.24 -18.93
N LEU D 32 -0.33 -2.93 -20.07
CA LEU D 32 0.29 -2.09 -21.09
C LEU D 32 -0.43 -0.74 -21.14
N LEU D 33 -0.08 0.07 -22.14
CA LEU D 33 -0.73 1.36 -22.32
C LEU D 33 -0.57 1.75 -23.79
N LEU D 34 -1.70 2.00 -24.46
CA LEU D 34 -1.69 2.32 -25.88
C LEU D 34 -1.72 3.83 -26.07
N LEU D 35 -0.83 4.34 -26.92
CA LEU D 35 -0.73 5.76 -27.17
C LEU D 35 -0.54 6.01 -28.66
N GLY D 36 -0.86 7.22 -29.09
CA GLY D 36 -0.74 7.55 -30.51
C GLY D 36 -1.54 8.78 -30.86
N ALA D 37 -2.04 8.80 -32.10
CA ALA D 37 -2.92 9.90 -32.54
C ALA D 37 -3.98 9.32 -33.47
N ASP D 38 -4.75 10.17 -34.16
CA ASP D 38 -5.85 9.66 -35.02
C ASP D 38 -5.29 8.84 -36.17
N ASN D 39 -4.23 9.33 -36.82
CA ASN D 39 -3.64 8.65 -38.00
C ASN D 39 -2.88 7.38 -37.61
N SER D 40 -2.49 7.25 -36.35
CA SER D 40 -1.60 6.13 -35.93
C SER D 40 -2.20 4.76 -36.22
N GLY D 41 -3.45 4.51 -35.84
CA GLY D 41 -4.02 3.17 -36.01
C GLY D 41 -3.91 2.36 -34.75
N LYS D 42 -4.14 2.98 -33.58
CA LYS D 42 -3.95 2.25 -32.33
C LYS D 42 -4.88 1.05 -32.25
N SER D 43 -6.14 1.22 -32.69
CA SER D 43 -7.10 0.12 -32.63
C SER D 43 -6.69 -1.04 -33.53
N THR D 44 -6.07 -0.75 -34.67
CA THR D 44 -5.76 -1.86 -35.60
C THR D 44 -4.66 -2.76 -35.00
N ILE D 45 -3.78 -2.23 -34.16
CA ILE D 45 -2.63 -3.04 -33.64
C ILE D 45 -3.19 -4.16 -32.75
N VAL D 46 -2.51 -5.32 -32.70
CA VAL D 46 -2.95 -6.52 -31.91
C VAL D 46 -4.13 -7.19 -32.63
N LYS D 47 -5.20 -6.45 -32.88
CA LYS D 47 -6.34 -7.00 -33.68
C LYS D 47 -6.90 -8.24 -33.00
N GLN D 48 -6.76 -8.33 -31.67
CA GLN D 48 -7.35 -9.47 -30.92
C GLN D 48 -8.03 -8.93 -29.67
N MET D 49 -9.12 -8.17 -29.83
CA MET D 49 -9.87 -7.69 -28.64
C MET D 49 -10.02 -8.83 -27.64
N THR D 50 -17.25 0.75 -19.05
CA THR D 50 -16.24 1.80 -19.17
C THR D 50 -16.25 2.42 -20.56
N SER D 51 -16.72 3.67 -20.64
CA SER D 51 -16.77 4.41 -21.89
C SER D 51 -15.61 5.39 -22.05
N GLY D 52 -15.13 5.97 -20.95
CA GLY D 52 -14.03 6.90 -21.00
C GLY D 52 -12.65 6.29 -21.04
N ILE D 53 -12.55 4.97 -20.92
CA ILE D 53 -11.27 4.27 -21.05
C ILE D 53 -11.51 2.87 -21.58
N PHE D 54 -10.93 2.56 -22.73
CA PHE D 54 -11.10 1.24 -23.33
C PHE D 54 -10.18 0.23 -22.65
N GLU D 55 -10.32 -1.02 -23.03
CA GLU D 55 -9.47 -2.08 -22.50
C GLU D 55 -9.46 -3.24 -23.49
N THR D 56 -8.36 -4.00 -23.47
CA THR D 56 -8.20 -5.12 -24.39
C THR D 56 -7.45 -6.22 -23.68
N LYS D 57 -7.96 -7.44 -23.76
CA LYS D 57 -7.35 -8.61 -23.14
C LYS D 57 -6.93 -9.59 -24.22
N PHE D 58 -5.64 -9.88 -24.30
CA PHE D 58 -5.13 -10.90 -25.20
C PHE D 58 -4.02 -11.66 -24.48
N GLN D 59 -3.87 -12.93 -24.80
CA GLN D 59 -2.86 -13.77 -24.18
C GLN D 59 -2.04 -14.49 -25.24
N VAL D 60 -0.73 -14.52 -25.04
CA VAL D 60 0.19 -15.24 -25.89
C VAL D 60 1.11 -16.07 -25.01
N ASP D 61 1.26 -17.35 -25.36
CA ASP D 61 2.07 -18.29 -24.58
C ASP D 61 1.63 -18.34 -23.12
N LYS D 62 0.31 -18.35 -22.92
CA LYS D 62 -0.29 -18.44 -21.59
C LYS D 62 0.17 -17.32 -20.67
N VAL D 63 0.32 -16.12 -21.24
CA VAL D 63 0.63 -14.92 -20.47
C VAL D 63 -0.41 -13.87 -20.83
N ASN D 64 -1.16 -13.41 -19.83
CA ASN D 64 -2.28 -12.51 -20.05
C ASN D 64 -1.81 -11.07 -20.14
N PHE D 65 -2.21 -10.39 -21.21
CA PHE D 65 -1.90 -8.99 -21.42
C PHE D 65 -3.17 -8.15 -21.32
N HIS D 66 -3.05 -6.97 -20.71
CA HIS D 66 -4.16 -6.06 -20.54
C HIS D 66 -3.74 -4.69 -21.04
N MET D 67 -4.32 -4.26 -22.16
CA MET D 67 -3.96 -3.01 -22.81
C MET D 67 -5.03 -1.97 -22.56
N PHE D 68 -4.62 -0.80 -22.07
CA PHE D 68 -5.53 0.28 -21.68
C PHE D 68 -5.40 1.42 -22.68
N ASP D 69 -6.35 1.51 -23.61
CA ASP D 69 -6.40 2.61 -24.56
C ASP D 69 -7.30 3.70 -23.96
N VAL D 70 -6.69 4.73 -23.42
CA VAL D 70 -7.46 5.80 -22.78
C VAL D 70 -8.08 6.65 -23.89
N GLY D 71 -9.41 6.60 -23.99
CA GLY D 71 -10.12 7.40 -24.96
C GLY D 71 -11.40 7.98 -24.39
N GLY D 72 -11.51 9.30 -24.42
CA GLY D 72 -12.65 9.97 -23.81
C GLY D 72 -12.20 11.17 -23.00
N GLN D 73 -10.90 11.23 -22.69
CA GLN D 73 -10.32 12.36 -22.00
C GLN D 73 -9.87 13.41 -23.01
N ARG D 74 -9.41 14.55 -22.49
CA ARG D 74 -8.98 15.64 -23.33
C ARG D 74 -7.69 15.28 -24.07
N ASP D 75 -7.23 16.21 -24.90
CA ASP D 75 -6.03 15.96 -25.71
C ASP D 75 -4.79 15.81 -24.84
N GLU D 76 -4.69 16.60 -23.76
CA GLU D 76 -3.50 16.60 -22.94
C GLU D 76 -3.42 15.32 -22.11
N ARG D 77 -2.24 14.70 -22.09
CA ARG D 77 -1.98 13.50 -21.30
C ARG D 77 -1.07 13.80 -20.11
N ARG D 78 -0.92 15.07 -19.74
CA ARG D 78 0.06 15.43 -18.72
C ARG D 78 -0.26 14.84 -17.37
N LYS D 79 -1.54 14.83 -16.98
CA LYS D 79 -1.89 14.55 -15.60
C LYS D 79 -2.45 13.16 -15.35
N TRP D 80 -3.04 12.51 -16.34
CA TRP D 80 -3.51 11.15 -16.13
C TRP D 80 -2.48 10.10 -16.52
N ILE D 81 -1.29 10.52 -16.96
CA ILE D 81 -0.25 9.56 -17.30
C ILE D 81 0.47 9.03 -16.06
N GLN D 82 0.34 9.71 -14.93
CA GLN D 82 0.94 9.21 -13.70
C GLN D 82 0.24 7.96 -13.19
N CYS D 83 -1.04 7.77 -13.53
CA CYS D 83 -1.72 6.54 -13.15
C CYS D 83 -1.06 5.33 -13.80
N PHE D 84 -0.63 5.48 -15.06
CA PHE D 84 0.08 4.41 -15.76
C PHE D 84 1.59 4.54 -15.59
N ASN D 85 2.03 4.68 -14.34
CA ASN D 85 3.46 4.71 -14.05
C ASN D 85 3.97 3.38 -13.52
N ASP D 86 3.10 2.39 -13.35
CA ASP D 86 3.49 1.06 -12.94
C ASP D 86 3.25 0.01 -14.03
N VAL D 87 2.87 0.45 -15.24
CA VAL D 87 2.68 -0.49 -16.32
C VAL D 87 4.02 -1.09 -16.73
N THR D 88 3.95 -2.28 -17.35
CA THR D 88 5.18 -2.92 -17.80
C THR D 88 5.78 -2.19 -18.99
N ALA D 89 4.96 -1.75 -19.93
CA ALA D 89 5.45 -1.10 -21.13
C ALA D 89 4.39 -0.16 -21.67
N ILE D 90 4.82 0.75 -22.54
CA ILE D 90 3.95 1.69 -23.23
C ILE D 90 4.04 1.40 -24.72
N ILE D 91 2.90 1.15 -25.35
CA ILE D 91 2.87 0.79 -26.77
C ILE D 91 2.53 2.05 -27.55
N PHE D 92 3.57 2.75 -28.00
CA PHE D 92 3.41 4.00 -28.73
C PHE D 92 3.32 3.69 -30.22
N VAL D 93 2.17 3.99 -30.82
CA VAL D 93 1.94 3.74 -32.24
C VAL D 93 2.02 5.07 -32.98
N VAL D 94 2.75 5.07 -34.09
CA VAL D 94 2.98 6.28 -34.88
C VAL D 94 2.79 5.96 -36.35
N ASP D 95 2.16 6.87 -37.07
CA ASP D 95 2.01 6.76 -38.52
C ASP D 95 3.33 7.13 -39.16
N SER D 96 4.10 6.13 -39.58
CA SER D 96 5.39 6.36 -40.19
C SER D 96 5.28 6.81 -41.64
N SER D 97 4.07 6.79 -42.21
CA SER D 97 3.92 7.05 -43.64
C SER D 97 3.96 8.54 -43.94
N ASP D 98 3.04 9.31 -43.38
CA ASP D 98 3.05 10.75 -43.64
C ASP D 98 4.18 11.41 -42.87
N TYR D 99 4.68 12.50 -43.44
CA TYR D 99 5.81 13.22 -42.87
C TYR D 99 5.46 14.60 -42.37
N ASN D 100 4.30 15.15 -42.73
CA ASN D 100 3.93 16.49 -42.30
C ASN D 100 3.81 16.57 -40.79
N ARG D 101 3.18 15.57 -40.17
CA ARG D 101 3.04 15.50 -38.73
C ARG D 101 3.92 14.44 -38.10
N LEU D 102 4.83 13.84 -38.87
CA LEU D 102 5.78 12.91 -38.27
C LEU D 102 6.69 13.62 -37.28
N GLN D 103 7.07 14.86 -37.58
CA GLN D 103 7.86 15.63 -36.61
C GLN D 103 7.07 15.87 -35.33
N GLU D 104 5.76 16.13 -35.46
CA GLU D 104 4.91 16.23 -34.28
C GLU D 104 4.89 14.91 -33.51
N ALA D 105 4.93 13.79 -34.23
CA ALA D 105 5.02 12.49 -33.57
C ALA D 105 6.31 12.35 -32.78
N LEU D 106 7.44 12.80 -33.35
CA LEU D 106 8.70 12.81 -32.60
C LEU D 106 8.61 13.72 -31.38
N ASN D 107 7.91 14.85 -31.53
CA ASN D 107 7.73 15.78 -30.39
C ASN D 107 6.89 15.09 -29.32
N ASP D 108 5.96 14.23 -29.73
CA ASP D 108 5.10 13.49 -28.77
C ASP D 108 5.98 12.49 -28.04
N PHE D 109 6.79 11.74 -28.79
CA PHE D 109 7.68 10.75 -28.21
C PHE D 109 8.67 11.39 -27.24
N LYS D 110 9.17 12.58 -27.56
CA LYS D 110 10.03 13.31 -26.64
C LYS D 110 9.30 13.68 -25.36
N SER D 111 8.05 14.12 -25.45
CA SER D 111 7.27 14.45 -24.27
C SER D 111 6.96 13.24 -23.40
N ILE D 112 6.73 12.08 -24.01
CA ILE D 112 6.45 10.86 -23.26
C ILE D 112 7.72 10.29 -22.64
N TRP D 113 8.82 10.25 -23.40
CA TRP D 113 10.06 9.66 -22.91
C TRP D 113 10.61 10.41 -21.71
N ASN D 114 10.58 11.74 -21.76
CA ASN D 114 11.17 12.58 -20.72
C ASN D 114 10.21 12.84 -19.56
N ASN D 115 9.07 12.15 -19.52
CA ASN D 115 8.15 12.30 -18.40
C ASN D 115 8.82 11.80 -17.12
N ARG D 116 8.64 12.57 -16.04
CA ARG D 116 9.28 12.20 -14.78
C ARG D 116 8.74 10.89 -14.23
N TRP D 117 7.44 10.66 -14.38
CA TRP D 117 6.80 9.49 -13.81
C TRP D 117 6.94 8.25 -14.69
N LEU D 118 7.47 8.39 -15.91
CA LEU D 118 7.73 7.26 -16.78
C LEU D 118 9.22 7.02 -16.96
N ARG D 119 10.03 7.39 -15.98
CA ARG D 119 11.48 7.26 -16.06
C ARG D 119 11.94 5.80 -16.03
N THR D 120 11.06 4.87 -15.66
CA THR D 120 11.39 3.45 -15.69
C THR D 120 10.51 2.65 -16.63
N ILE D 121 9.56 3.28 -17.30
CA ILE D 121 8.66 2.59 -18.22
C ILE D 121 9.25 2.64 -19.61
N SER D 122 9.42 1.47 -20.22
CA SER D 122 10.06 1.34 -21.52
C SER D 122 9.01 1.27 -22.61
N VAL D 123 9.21 2.04 -23.67
CA VAL D 123 8.22 2.17 -24.73
C VAL D 123 8.45 1.09 -25.79
N ILE D 124 7.37 0.45 -26.21
CA ILE D 124 7.40 -0.51 -27.31
C ILE D 124 6.89 0.25 -28.53
N LEU D 125 7.80 0.82 -29.30
CA LEU D 125 7.44 1.67 -30.41
C LEU D 125 6.95 0.83 -31.58
N PHE D 126 5.79 1.20 -32.12
CA PHE D 126 5.19 0.52 -33.27
C PHE D 126 5.07 1.55 -34.40
N LEU D 127 5.92 1.45 -35.41
CA LEU D 127 5.83 2.32 -36.57
C LEU D 127 4.84 1.72 -37.55
N ASN D 128 3.61 2.22 -37.53
CA ASN D 128 2.51 1.60 -38.25
C ASN D 128 2.54 1.99 -39.73
N LYS D 129 1.86 1.17 -40.53
CA LYS D 129 1.64 1.43 -41.95
C LYS D 129 2.97 1.59 -42.71
N GLN D 130 3.77 0.52 -42.67
CA GLN D 130 5.00 0.50 -43.44
C GLN D 130 4.76 0.25 -44.92
N ASP D 131 3.67 -0.46 -45.26
CA ASP D 131 3.43 -0.84 -46.64
C ASP D 131 3.14 0.38 -47.52
N LEU D 132 2.20 1.23 -47.08
CA LEU D 132 1.87 2.38 -47.89
C LEU D 132 2.94 3.46 -47.80
N LEU D 133 3.75 3.47 -46.73
CA LEU D 133 4.95 4.30 -46.73
C LEU D 133 5.91 3.85 -47.80
N ALA D 134 6.09 2.53 -47.95
CA ALA D 134 6.93 2.00 -49.01
C ALA D 134 6.38 2.38 -50.38
N GLU D 135 5.07 2.29 -50.55
CA GLU D 135 4.46 2.72 -51.82
C GLU D 135 4.71 4.19 -52.08
N LYS D 136 4.57 5.03 -51.05
CA LYS D 136 4.76 6.47 -51.23
C LYS D 136 6.20 6.80 -51.61
N VAL D 137 7.18 6.16 -50.95
CA VAL D 137 8.56 6.45 -51.29
C VAL D 137 8.95 5.86 -52.64
N LEU D 138 8.41 4.70 -53.01
CA LEU D 138 8.67 4.13 -54.33
C LEU D 138 8.07 4.99 -55.44
N ALA D 139 6.92 5.61 -55.20
CA ALA D 139 6.34 6.49 -56.20
C ALA D 139 7.25 7.68 -56.47
N GLY D 140 7.83 8.26 -55.42
CA GLY D 140 8.77 9.35 -55.57
C GLY D 140 8.18 10.73 -55.63
N LYS D 141 6.85 10.85 -55.66
CA LYS D 141 6.22 12.17 -55.69
C LYS D 141 6.50 12.94 -54.43
N SER D 142 6.45 12.28 -53.27
CA SER D 142 6.69 12.91 -51.98
C SER D 142 8.14 12.68 -51.56
N LYS D 143 8.86 13.76 -51.32
CA LYS D 143 10.26 13.71 -50.93
C LYS D 143 10.39 13.98 -49.44
N ILE D 144 10.99 13.04 -48.72
CA ILE D 144 11.18 13.19 -47.29
C ILE D 144 12.23 14.24 -46.96
N GLU D 145 13.10 14.57 -47.92
CA GLU D 145 14.18 15.52 -47.67
C GLU D 145 13.63 16.91 -47.37
N ASP D 146 12.45 17.25 -47.90
CA ASP D 146 11.86 18.55 -47.64
C ASP D 146 11.55 18.73 -46.17
N TYR D 147 10.93 17.72 -45.55
CA TYR D 147 10.61 17.79 -44.13
C TYR D 147 11.86 17.63 -43.26
N PHE D 148 12.73 16.70 -43.62
CA PHE D 148 13.97 16.44 -42.89
C PHE D 148 15.16 16.74 -43.78
N PRO D 149 15.82 17.89 -43.60
CA PRO D 149 16.98 18.20 -44.46
C PRO D 149 18.13 17.21 -44.32
N GLU D 150 18.24 16.54 -43.17
CA GLU D 150 19.32 15.59 -42.92
C GLU D 150 19.16 14.29 -43.69
N PHE D 151 17.94 13.96 -44.14
CA PHE D 151 17.72 12.69 -44.81
C PHE D 151 18.56 12.58 -46.08
N ALA D 152 18.66 13.66 -46.85
CA ALA D 152 19.43 13.62 -48.09
C ALA D 152 20.90 13.30 -47.80
N ARG D 153 21.47 13.90 -46.77
CA ARG D 153 22.84 13.57 -46.37
C ARG D 153 22.94 12.18 -45.76
N TYR D 154 21.82 11.61 -45.30
CA TYR D 154 21.85 10.31 -44.66
C TYR D 154 21.79 9.19 -45.69
N THR D 155 22.63 8.18 -45.48
CA THR D 155 22.59 6.95 -46.26
C THR D 155 22.44 5.78 -45.29
N THR D 156 21.97 4.65 -45.82
CA THR D 156 21.81 3.47 -44.99
C THR D 156 23.18 3.04 -44.45
N PRO D 157 23.28 2.70 -43.17
CA PRO D 157 24.58 2.34 -42.61
C PRO D 157 25.06 0.99 -43.12
N GLU D 158 26.38 0.85 -43.19
CA GLU D 158 26.96 -0.41 -43.61
C GLU D 158 26.74 -1.47 -42.52
N ASP D 159 26.84 -2.73 -42.94
CA ASP D 159 26.62 -3.91 -42.11
C ASP D 159 25.17 -4.05 -41.65
N ALA D 160 24.26 -3.20 -42.13
CA ALA D 160 22.85 -3.36 -41.82
C ALA D 160 22.31 -4.63 -42.47
N THR D 161 21.24 -5.16 -41.88
CA THR D 161 20.65 -6.43 -42.30
C THR D 161 19.16 -6.25 -42.57
N PRO D 162 18.80 -5.66 -43.70
CA PRO D 162 17.38 -5.63 -44.09
C PRO D 162 16.89 -7.03 -44.42
N GLU D 163 15.99 -7.56 -43.58
CA GLU D 163 15.61 -8.97 -43.69
C GLU D 163 15.00 -9.32 -45.04
N PRO D 164 14.03 -8.59 -45.59
CA PRO D 164 13.46 -8.97 -46.88
C PRO D 164 14.26 -8.38 -48.03
N GLY D 165 13.84 -8.73 -49.24
CA GLY D 165 14.44 -8.20 -50.44
C GLY D 165 13.78 -6.90 -50.88
N GLU D 166 13.67 -5.95 -49.95
CA GLU D 166 13.00 -4.70 -50.23
C GLU D 166 13.88 -3.79 -51.08
N ASP D 167 13.25 -2.76 -51.63
CA ASP D 167 13.98 -1.75 -52.39
C ASP D 167 14.92 -1.01 -51.44
N PRO D 168 16.13 -0.65 -51.89
CA PRO D 168 17.04 0.09 -51.00
C PRO D 168 16.48 1.42 -50.53
N ARG D 169 15.63 2.08 -51.32
CA ARG D 169 15.10 3.38 -50.93
C ARG D 169 14.13 3.26 -49.77
N VAL D 170 13.24 2.26 -49.80
CA VAL D 170 12.31 2.08 -48.69
C VAL D 170 13.07 1.70 -47.43
N THR D 171 14.12 0.88 -47.57
CA THR D 171 14.94 0.51 -46.42
C THR D 171 15.64 1.72 -45.85
N ARG D 172 16.18 2.58 -46.70
CA ARG D 172 16.85 3.80 -46.23
C ARG D 172 15.87 4.71 -45.49
N ALA D 173 14.67 4.89 -46.03
CA ALA D 173 13.68 5.74 -45.36
C ALA D 173 13.26 5.15 -44.02
N LYS D 174 13.00 3.83 -43.98
CA LYS D 174 12.62 3.19 -42.73
C LYS D 174 13.72 3.32 -41.70
N TYR D 175 14.97 3.10 -42.10
CA TYR D 175 16.08 3.21 -41.18
C TYR D 175 16.24 4.65 -40.68
N PHE D 176 16.03 5.63 -41.56
CA PHE D 176 16.13 7.02 -41.12
C PHE D 176 15.07 7.34 -40.07
N ILE D 177 13.83 6.93 -40.30
CA ILE D 177 12.76 7.23 -39.36
C ILE D 177 13.02 6.54 -38.02
N ARG D 178 13.37 5.26 -38.07
CA ARG D 178 13.64 4.52 -36.84
C ARG D 178 14.83 5.11 -36.11
N LYS D 179 15.87 5.53 -36.83
CA LYS D 179 17.03 6.13 -36.21
C LYS D 179 16.68 7.45 -35.54
N GLU D 180 15.83 8.26 -36.19
CA GLU D 180 15.37 9.50 -35.57
C GLU D 180 14.67 9.20 -34.25
N PHE D 181 13.78 8.21 -34.26
CA PHE D 181 13.06 7.87 -33.03
C PHE D 181 14.02 7.36 -31.95
N VAL D 182 14.93 6.46 -32.29
CA VAL D 182 15.83 5.89 -31.25
C VAL D 182 16.79 6.98 -30.77
N ASP D 183 17.13 7.96 -31.61
CA ASP D 183 17.97 9.07 -31.09
C ASP D 183 17.20 9.76 -29.98
N ILE D 184 15.94 10.12 -30.25
CA ILE D 184 15.09 10.78 -29.24
C ILE D 184 15.12 9.87 -28.04
N SER D 185 15.14 8.57 -28.31
CA SER D 185 15.05 7.67 -27.16
C SER D 185 16.33 7.69 -26.33
N THR D 186 17.48 7.46 -26.97
CA THR D 186 18.73 7.22 -26.26
C THR D 186 19.44 8.51 -25.83
N ALA D 187 18.87 9.69 -26.13
CA ALA D 187 19.53 10.93 -25.73
C ALA D 187 19.63 11.04 -24.21
N SER D 188 18.58 10.64 -23.49
CA SER D 188 18.59 10.73 -22.04
C SER D 188 18.04 9.46 -21.40
N GLY D 189 18.14 8.33 -22.10
CA GLY D 189 17.63 7.08 -21.55
C GLY D 189 18.38 6.62 -20.32
N ASP D 190 19.72 6.68 -20.36
CA ASP D 190 20.60 6.30 -19.26
C ASP D 190 20.47 4.83 -18.88
N GLY D 191 19.86 4.01 -19.73
CA GLY D 191 19.74 2.59 -19.47
C GLY D 191 18.62 2.19 -18.55
N ARG D 192 17.94 3.15 -17.90
CA ARG D 192 16.81 2.80 -17.05
C ARG D 192 15.67 2.20 -17.85
N HIS D 193 15.35 2.81 -18.99
CA HIS D 193 14.32 2.31 -19.89
C HIS D 193 14.79 2.51 -21.32
N ILE D 194 14.50 1.53 -22.18
CA ILE D 194 14.95 1.56 -23.57
C ILE D 194 13.75 1.35 -24.48
N CYS D 195 13.82 1.93 -25.69
CA CYS D 195 12.76 1.80 -26.67
C CYS D 195 12.97 0.54 -27.51
N TYR D 196 11.87 0.04 -28.06
CA TYR D 196 11.87 -1.18 -28.87
C TYR D 196 11.18 -0.90 -30.19
N PRO D 197 11.88 -0.32 -31.15
CA PRO D 197 11.24 0.02 -32.42
C PRO D 197 10.81 -1.21 -33.19
N HIS D 198 9.71 -1.07 -33.93
CA HIS D 198 9.20 -2.13 -34.79
C HIS D 198 8.53 -1.50 -35.99
N PHE D 199 8.40 -2.29 -37.05
CA PHE D 199 7.72 -1.85 -38.27
C PHE D 199 6.61 -2.84 -38.58
N THR D 200 5.39 -2.32 -38.68
CA THR D 200 4.21 -3.15 -38.95
C THR D 200 3.37 -2.52 -40.05
N CYS D 201 2.65 -3.37 -40.78
CA CYS D 201 1.85 -2.96 -41.93
C CYS D 201 0.36 -2.96 -41.62
N ALA D 202 -0.01 -3.07 -40.35
CA ALA D 202 -1.39 -3.11 -39.89
C ALA D 202 -2.17 -4.32 -40.40
N VAL D 203 -1.48 -5.31 -40.95
CA VAL D 203 -2.12 -6.56 -41.38
C VAL D 203 -1.30 -7.72 -40.84
N ASP D 204 -0.12 -7.42 -40.29
CA ASP D 204 0.75 -8.45 -39.75
C ASP D 204 0.17 -9.01 -38.45
N THR D 205 0.27 -10.32 -38.29
CA THR D 205 -0.22 -11.00 -37.10
C THR D 205 0.85 -11.18 -36.04
N GLU D 206 2.07 -10.71 -36.29
CA GLU D 206 3.18 -10.86 -35.36
C GLU D 206 3.27 -9.71 -34.36
N ASN D 207 2.28 -8.82 -34.34
CA ASN D 207 2.31 -7.70 -33.39
C ASN D 207 2.27 -8.20 -31.96
N ALA D 208 1.45 -9.22 -31.67
CA ALA D 208 1.37 -9.74 -30.32
C ALA D 208 2.69 -10.39 -29.90
N ARG D 209 3.31 -11.13 -30.81
CA ARG D 209 4.57 -11.79 -30.48
C ARG D 209 5.67 -10.77 -30.21
N ARG D 210 5.71 -9.68 -30.97
CA ARG D 210 6.69 -8.62 -30.72
C ARG D 210 6.50 -8.03 -29.32
N ILE D 211 5.25 -7.75 -28.96
CA ILE D 211 4.97 -7.22 -27.63
C ILE D 211 5.39 -8.22 -26.56
N PHE D 212 5.14 -9.50 -26.78
CA PHE D 212 5.51 -10.51 -25.80
C PHE D 212 7.01 -10.57 -25.60
N ASN D 213 7.78 -10.57 -26.70
CA ASN D 213 9.24 -10.65 -26.58
C ASN D 213 9.80 -9.40 -25.91
N ASP D 214 9.31 -8.23 -26.31
CA ASP D 214 9.78 -7.00 -25.68
C ASP D 214 9.42 -6.97 -24.20
N CYS D 215 8.23 -7.45 -23.84
CA CYS D 215 7.85 -7.51 -22.44
C CYS D 215 8.72 -8.50 -21.66
N LYS D 216 9.12 -9.59 -22.29
CA LYS D 216 10.07 -10.51 -21.64
C LYS D 216 11.38 -9.80 -21.34
N ASP D 217 11.89 -9.03 -22.31
CA ASP D 217 13.12 -8.28 -22.06
C ASP D 217 12.93 -7.24 -20.95
N ILE D 218 11.79 -6.55 -20.95
CA ILE D 218 11.52 -5.54 -19.93
C ILE D 218 11.46 -6.19 -18.55
N ILE D 219 10.78 -7.33 -18.45
CA ILE D 219 10.69 -8.03 -17.18
C ILE D 219 12.06 -8.51 -16.72
N LEU D 220 12.90 -8.97 -17.66
CA LEU D 220 14.25 -9.37 -17.29
C LEU D 220 15.03 -8.20 -16.72
N GLN D 221 14.95 -7.04 -17.36
CA GLN D 221 15.67 -5.87 -16.83
C GLN D 221 15.11 -5.45 -15.47
N MET D 222 13.79 -5.51 -15.32
CA MET D 222 13.17 -5.16 -14.05
C MET D 222 13.60 -6.10 -12.93
N ASN D 223 13.70 -7.39 -13.23
CA ASN D 223 14.15 -8.36 -12.24
C ASN D 223 15.62 -8.17 -11.90
N LEU D 224 16.44 -7.84 -12.90
CA LEU D 224 17.84 -7.53 -12.62
C LEU D 224 17.95 -6.32 -11.69
N ARG D 225 17.11 -5.31 -11.92
CA ARG D 225 17.14 -4.14 -11.04
C ARG D 225 16.61 -4.45 -9.65
N GLU D 226 15.59 -5.31 -9.55
CA GLU D 226 14.97 -5.57 -8.27
C GLU D 226 15.85 -6.42 -7.36
N TYR D 227 16.56 -7.39 -7.94
CA TYR D 227 17.44 -8.26 -7.17
C TYR D 227 18.80 -7.63 -6.90
N ASN D 228 18.91 -6.30 -7.03
CA ASN D 228 20.13 -5.57 -6.69
C ASN D 228 21.35 -6.11 -7.44
N LEU D 229 21.16 -6.44 -8.72
CA LEU D 229 22.23 -6.95 -9.54
C LEU D 229 22.85 -5.90 -10.47
N VAL D 230 22.06 -4.94 -10.93
CA VAL D 230 22.57 -3.92 -11.84
C VAL D 230 23.47 -2.95 -11.10
N VAL E 1 -34.58 -9.75 4.05
CA VAL E 1 -33.94 -10.54 5.10
C VAL E 1 -34.95 -11.49 5.71
N GLN E 2 -34.61 -12.78 5.70
CA GLN E 2 -35.51 -13.80 6.21
C GLN E 2 -34.71 -14.97 6.76
N LEU E 3 -35.07 -15.43 7.94
CA LEU E 3 -34.44 -16.59 8.58
C LEU E 3 -35.53 -17.58 8.95
N VAL E 4 -35.55 -18.72 8.28
CA VAL E 4 -36.55 -19.75 8.49
C VAL E 4 -35.85 -21.03 8.92
N GLU E 5 -36.32 -21.62 10.02
CA GLU E 5 -35.71 -22.81 10.60
C GLU E 5 -36.68 -23.98 10.53
N SER E 6 -36.12 -25.19 10.52
CA SER E 6 -36.91 -26.41 10.48
C SER E 6 -36.19 -27.51 11.24
N GLY E 7 -36.94 -28.53 11.61
CA GLY E 7 -36.40 -29.67 12.33
C GLY E 7 -36.94 -29.88 13.72
N GLY E 8 -37.77 -28.96 14.24
CA GLY E 8 -38.33 -29.16 15.55
C GLY E 8 -39.46 -30.17 15.57
N GLY E 9 -39.70 -30.73 16.74
CA GLY E 9 -40.73 -31.73 16.90
C GLY E 9 -40.58 -32.44 18.23
N LEU E 10 -41.31 -33.55 18.35
CA LEU E 10 -41.30 -34.36 19.57
C LEU E 10 -40.18 -35.39 19.45
N VAL E 11 -39.24 -35.34 20.39
CA VAL E 11 -38.07 -36.22 20.40
C VAL E 11 -38.00 -36.93 21.74
N GLN E 12 -37.84 -38.25 21.70
CA GLN E 12 -37.69 -39.03 22.92
C GLN E 12 -36.38 -38.67 23.61
N PRO E 13 -36.34 -38.74 24.95
CA PRO E 13 -35.11 -38.39 25.67
C PRO E 13 -33.97 -39.29 25.26
N GLY E 14 -32.76 -38.70 25.20
CA GLY E 14 -31.59 -39.40 24.76
C GLY E 14 -31.44 -39.54 23.26
N GLY E 15 -32.39 -39.01 22.49
CA GLY E 15 -32.35 -39.10 21.05
C GLY E 15 -31.55 -37.98 20.41
N SER E 16 -31.68 -37.89 19.09
CA SER E 16 -30.97 -36.90 18.29
C SER E 16 -31.96 -36.14 17.39
N ARG E 17 -31.61 -34.90 17.10
CA ARG E 17 -32.42 -34.06 16.23
C ARG E 17 -31.50 -33.07 15.53
N LYS E 18 -31.89 -32.64 14.33
CA LYS E 18 -31.06 -31.75 13.52
C LYS E 18 -31.86 -30.52 13.16
N LEU E 19 -31.35 -29.35 13.51
CA LEU E 19 -31.99 -28.08 13.22
C LEU E 19 -31.24 -27.35 12.11
N SER E 20 -31.99 -26.87 11.12
CA SER E 20 -31.42 -26.14 10.00
C SER E 20 -32.07 -24.76 9.90
N CYS E 21 -31.24 -23.72 9.85
CA CYS E 21 -31.69 -22.34 9.74
C CYS E 21 -31.37 -21.83 8.35
N SER E 22 -32.40 -21.61 7.55
CA SER E 22 -32.25 -21.21 6.14
C SER E 22 -32.27 -19.70 6.04
N ALA E 23 -31.14 -19.10 5.69
CA ALA E 23 -31.03 -17.66 5.56
C ALA E 23 -31.28 -17.23 4.12
N SER E 24 -31.98 -16.12 3.95
CA SER E 24 -32.29 -15.59 2.62
C SER E 24 -32.51 -14.10 2.72
N GLY E 25 -32.01 -13.37 1.73
CA GLY E 25 -32.21 -11.94 1.67
C GLY E 25 -31.04 -11.10 2.15
N PHE E 26 -29.91 -11.70 2.49
CA PHE E 26 -28.75 -10.95 2.95
C PHE E 26 -27.50 -11.79 2.71
N ALA E 27 -26.35 -11.14 2.84
CA ALA E 27 -25.05 -11.77 2.64
C ALA E 27 -24.77 -12.65 3.84
N PHE E 28 -25.25 -13.89 3.78
CA PHE E 28 -25.18 -14.79 4.93
C PHE E 28 -23.73 -15.14 5.28
N SER E 29 -22.84 -15.11 4.29
CA SER E 29 -21.46 -15.56 4.58
C SER E 29 -20.70 -14.51 5.38
N SER E 30 -21.25 -13.32 5.54
CA SER E 30 -20.52 -12.24 6.25
C SER E 30 -21.13 -11.99 7.62
N PHE E 31 -22.13 -12.80 8.03
CA PHE E 31 -22.83 -12.54 9.31
C PHE E 31 -22.56 -13.66 10.30
N GLY E 32 -22.07 -13.34 11.50
CA GLY E 32 -21.92 -14.38 12.52
C GLY E 32 -23.29 -14.90 12.89
N MET E 33 -23.42 -16.19 13.17
CA MET E 33 -24.78 -16.73 13.41
C MET E 33 -24.87 -17.39 14.78
N HIS E 34 -25.88 -17.05 15.58
CA HIS E 34 -26.07 -17.59 16.92
C HIS E 34 -27.29 -18.50 16.93
N TRP E 35 -27.42 -19.27 18.00
CA TRP E 35 -28.64 -19.99 18.33
C TRP E 35 -29.07 -19.58 19.73
N VAL E 36 -30.33 -19.19 19.86
CA VAL E 36 -30.87 -18.75 21.15
C VAL E 36 -32.16 -19.50 21.40
N ARG E 37 -32.27 -20.12 22.56
CA ARG E 37 -33.44 -20.89 22.93
C ARG E 37 -34.28 -20.14 23.96
N GLN E 38 -35.54 -20.55 24.08
CA GLN E 38 -36.46 -20.01 25.06
C GLN E 38 -37.34 -21.14 25.57
N ALA E 39 -37.11 -21.56 26.82
CA ALA E 39 -37.93 -22.59 27.41
C ALA E 39 -39.37 -22.09 27.58
N PRO E 40 -40.35 -22.97 27.52
CA PRO E 40 -41.75 -22.54 27.61
C PRO E 40 -42.01 -21.77 28.90
N GLU E 41 -42.67 -20.62 28.76
CA GLU E 41 -43.00 -19.74 29.87
C GLU E 41 -41.76 -19.32 30.67
N LYS E 42 -40.64 -19.12 29.98
CA LYS E 42 -39.40 -18.69 30.61
C LYS E 42 -38.67 -17.73 29.69
N GLY E 43 -37.51 -17.27 30.12
CA GLY E 43 -36.74 -16.28 29.40
C GLY E 43 -35.83 -16.89 28.35
N LEU E 44 -35.06 -16.02 27.71
CA LEU E 44 -34.14 -16.46 26.67
C LEU E 44 -32.88 -17.08 27.26
N GLU E 45 -32.20 -17.89 26.46
CA GLU E 45 -30.95 -18.51 26.88
C GLU E 45 -30.09 -18.79 25.65
N TRP E 46 -28.85 -18.31 25.68
CA TRP E 46 -27.95 -18.50 24.56
C TRP E 46 -27.51 -19.96 24.47
N VAL E 47 -27.29 -20.43 23.24
CA VAL E 47 -27.00 -21.84 22.97
C VAL E 47 -25.64 -22.02 22.32
N ALA E 48 -25.42 -21.40 21.17
CA ALA E 48 -24.18 -21.61 20.42
C ALA E 48 -23.91 -20.38 19.56
N TYR E 49 -22.77 -20.42 18.87
CA TYR E 49 -22.36 -19.32 18.00
C TYR E 49 -21.28 -19.80 17.06
N ILE E 50 -21.37 -19.40 15.79
CA ILE E 50 -20.33 -19.66 14.80
C ILE E 50 -20.09 -18.38 14.02
N SER E 51 -18.82 -18.03 13.83
CA SER E 51 -18.49 -16.75 13.24
C SER E 51 -18.61 -16.80 11.73
N SER E 52 -18.25 -15.69 11.08
CA SER E 52 -18.21 -15.66 9.63
C SER E 52 -16.99 -16.41 9.12
N GLY E 53 -17.22 -17.40 8.27
CA GLY E 53 -16.17 -18.28 7.84
C GLY E 53 -15.89 -19.45 8.76
N SER E 54 -16.71 -19.63 9.79
CA SER E 54 -16.61 -20.75 10.73
C SER E 54 -15.30 -20.76 11.50
N GLY E 55 -14.63 -19.60 11.59
CA GLY E 55 -13.36 -19.55 12.29
C GLY E 55 -13.50 -19.78 13.79
N THR E 56 -14.49 -19.15 14.42
CA THR E 56 -14.67 -19.19 15.87
C THR E 56 -16.01 -19.80 16.19
N ILE E 57 -16.03 -20.74 17.14
CA ILE E 57 -17.24 -21.41 17.58
C ILE E 57 -17.25 -21.42 19.11
N TYR E 58 -18.40 -21.10 19.69
CA TYR E 58 -18.58 -21.11 21.13
C TYR E 58 -19.84 -21.91 21.48
N TYR E 59 -19.85 -22.43 22.71
CA TYR E 59 -21.02 -23.14 23.22
C TYR E 59 -21.25 -22.72 24.66
N ALA E 60 -22.50 -22.79 25.08
CA ALA E 60 -22.81 -22.56 26.49
C ALA E 60 -22.35 -23.76 27.31
N ASP E 61 -22.11 -23.51 28.60
CA ASP E 61 -21.61 -24.57 29.47
C ASP E 61 -22.64 -25.68 29.65
N THR E 62 -23.93 -25.35 29.58
CA THR E 62 -24.97 -26.36 29.74
C THR E 62 -25.02 -27.28 28.53
N VAL E 63 -24.44 -26.85 27.41
CA VAL E 63 -24.61 -27.54 26.14
C VAL E 63 -23.27 -27.91 25.51
N LYS E 64 -22.16 -27.50 26.10
CA LYS E 64 -20.85 -27.70 25.48
C LYS E 64 -20.57 -29.19 25.31
N GLY E 65 -20.11 -29.55 24.11
CA GLY E 65 -19.77 -30.92 23.80
C GLY E 65 -20.93 -31.81 23.45
N ARG E 66 -22.16 -31.34 23.62
CA ARG E 66 -23.35 -32.12 23.34
C ARG E 66 -24.02 -31.72 22.02
N PHE E 67 -24.10 -30.43 21.73
CA PHE E 67 -24.54 -29.93 20.43
C PHE E 67 -23.33 -29.52 19.61
N THR E 68 -23.45 -29.61 18.30
CA THR E 68 -22.45 -29.08 17.38
C THR E 68 -23.14 -28.19 16.36
N ILE E 69 -22.61 -27.00 16.16
CA ILE E 69 -23.17 -26.00 15.26
C ILE E 69 -22.27 -25.89 14.05
N SER E 70 -22.88 -25.85 12.86
CA SER E 70 -22.10 -25.66 11.61
C SER E 70 -22.89 -24.78 10.66
N ARG E 71 -22.21 -24.12 9.72
CA ARG E 71 -22.89 -23.24 8.74
C ARG E 71 -22.57 -23.77 7.34
N ASP E 72 -23.39 -23.46 6.34
CA ASP E 72 -23.04 -23.85 4.95
C ASP E 72 -23.15 -22.63 4.04
N ASP E 73 -22.04 -21.94 3.79
CA ASP E 73 -22.13 -20.72 2.99
C ASP E 73 -22.76 -20.93 1.61
N PRO E 74 -22.35 -21.91 0.79
CA PRO E 74 -22.95 -22.00 -0.56
C PRO E 74 -24.46 -22.19 -0.56
N LYS E 75 -25.00 -22.93 0.40
CA LYS E 75 -26.44 -23.14 0.47
C LYS E 75 -27.14 -22.14 1.40
N ASN E 76 -26.39 -21.25 2.06
CA ASN E 76 -26.95 -20.23 2.94
C ASN E 76 -27.85 -20.85 4.01
N THR E 77 -27.36 -21.90 4.67
CA THR E 77 -28.12 -22.60 5.69
C THR E 77 -27.23 -22.87 6.90
N LEU E 78 -27.79 -22.64 8.09
CA LEU E 78 -27.09 -22.84 9.35
C LEU E 78 -27.64 -24.08 10.05
N PHE E 79 -26.74 -24.89 10.59
CA PHE E 79 -27.09 -26.17 11.19
C PHE E 79 -26.84 -26.17 12.69
N LEU E 80 -27.58 -27.02 13.40
CA LEU E 80 -27.33 -27.32 14.81
C LEU E 80 -27.69 -28.78 15.05
N GLN E 81 -26.67 -29.63 15.14
CA GLN E 81 -26.88 -31.06 15.32
C GLN E 81 -26.99 -31.35 16.81
N MET E 82 -28.06 -32.06 17.19
CA MET E 82 -28.38 -32.30 18.60
C MET E 82 -28.23 -33.78 18.89
N THR E 83 -27.52 -34.10 19.96
CA THR E 83 -27.38 -35.47 20.45
C THR E 83 -27.64 -35.51 21.95
N SER E 84 -27.99 -36.70 22.45
CA SER E 84 -28.23 -36.91 23.88
C SER E 84 -29.27 -35.94 24.42
N LEU E 85 -30.34 -35.76 23.65
CA LEU E 85 -31.36 -34.78 24.01
C LEU E 85 -32.06 -35.19 25.30
N ARG E 86 -32.10 -34.26 26.25
CA ARG E 86 -32.70 -34.50 27.56
C ARG E 86 -33.91 -33.60 27.74
N SER E 87 -34.64 -33.84 28.84
CA SER E 87 -35.89 -33.15 29.10
C SER E 87 -35.72 -31.66 29.33
N GLU E 88 -34.51 -31.20 29.62
CA GLU E 88 -34.27 -29.78 29.86
C GLU E 88 -34.00 -29.01 28.57
N ASP E 89 -33.93 -29.68 27.43
CA ASP E 89 -33.66 -29.03 26.15
C ASP E 89 -34.92 -28.64 25.40
N THR E 90 -36.11 -28.91 25.95
CA THR E 90 -37.34 -28.49 25.30
C THR E 90 -37.48 -26.97 25.39
N ALA E 91 -37.40 -26.31 24.23
CA ALA E 91 -37.41 -24.85 24.19
C ALA E 91 -37.72 -24.42 22.76
N MET E 92 -37.90 -23.12 22.58
CA MET E 92 -38.14 -22.51 21.29
C MET E 92 -36.83 -21.94 20.78
N TYR E 93 -36.26 -22.58 19.77
CA TYR E 93 -34.92 -22.26 19.29
C TYR E 93 -34.98 -21.20 18.19
N TYR E 94 -34.29 -20.09 18.41
CA TYR E 94 -34.24 -18.98 17.48
C TYR E 94 -32.89 -18.91 16.79
N CYS E 95 -32.91 -18.62 15.50
CA CYS E 95 -31.70 -18.42 14.72
C CYS E 95 -31.46 -16.91 14.60
N VAL E 96 -30.30 -16.46 15.05
CA VAL E 96 -29.99 -15.04 15.13
C VAL E 96 -28.79 -14.75 14.24
N ARG E 97 -28.77 -13.57 13.64
CA ARG E 97 -27.64 -13.10 12.86
C ARG E 97 -27.00 -11.92 13.57
N SER E 98 -25.69 -11.80 13.42
CA SER E 98 -24.95 -10.69 14.02
C SER E 98 -23.65 -10.49 13.28
N ILE E 99 -23.41 -9.28 12.80
CA ILE E 99 -22.19 -8.92 12.11
C ILE E 99 -21.38 -7.99 13.00
N TYR E 100 -20.09 -8.28 13.13
CA TYR E 100 -19.24 -7.55 14.08
C TYR E 100 -18.20 -6.74 13.32
N TYR E 101 -18.37 -5.43 13.36
CA TYR E 101 -17.34 -4.48 12.94
C TYR E 101 -17.66 -3.18 13.66
N TYR E 102 -16.78 -2.19 13.48
CA TYR E 102 -16.95 -0.95 14.22
C TYR E 102 -18.26 -0.27 13.81
N GLY E 103 -19.14 -0.07 14.78
CA GLY E 103 -20.41 0.57 14.54
C GLY E 103 -21.52 -0.34 14.05
N SER E 104 -21.30 -1.65 14.05
CA SER E 104 -22.33 -2.57 13.59
C SER E 104 -23.42 -2.74 14.64
N SER E 105 -24.47 -3.48 14.27
CA SER E 105 -25.60 -3.76 15.15
C SER E 105 -25.76 -5.26 15.27
N PRO E 106 -25.04 -5.91 16.18
CA PRO E 106 -25.19 -7.35 16.34
C PRO E 106 -26.57 -7.72 16.88
N PHE E 107 -27.00 -8.95 16.58
CA PHE E 107 -28.26 -9.51 17.03
C PHE E 107 -29.46 -8.71 16.50
N ASP E 108 -29.33 -8.13 15.31
CA ASP E 108 -30.38 -7.25 14.82
C ASP E 108 -31.57 -8.00 14.24
N PHE E 109 -31.36 -9.21 13.71
CA PHE E 109 -32.45 -9.98 13.12
C PHE E 109 -32.54 -11.34 13.78
N TRP E 110 -33.76 -11.76 14.08
CA TRP E 110 -34.04 -13.04 14.71
C TRP E 110 -34.98 -13.85 13.83
N GLY E 111 -34.76 -15.15 13.78
CA GLY E 111 -35.65 -16.02 13.05
C GLY E 111 -36.96 -16.23 13.78
N GLN E 112 -37.92 -16.84 13.05
CA GLN E 112 -39.25 -17.06 13.63
C GLN E 112 -39.24 -18.08 14.75
N GLY E 113 -38.24 -18.94 14.82
CA GLY E 113 -38.18 -19.90 15.89
C GLY E 113 -38.77 -21.24 15.49
N THR E 114 -38.17 -22.30 16.01
CA THR E 114 -38.66 -23.67 15.82
C THR E 114 -38.82 -24.32 17.18
N THR E 115 -39.92 -25.05 17.35
CA THR E 115 -40.26 -25.62 18.65
C THR E 115 -39.75 -27.06 18.72
N LEU E 116 -38.97 -27.36 19.76
CA LEU E 116 -38.51 -28.70 20.04
C LEU E 116 -39.02 -29.11 21.42
N THR E 117 -39.71 -30.24 21.47
CA THR E 117 -40.32 -30.73 22.71
C THR E 117 -39.77 -32.12 22.99
N VAL E 118 -39.05 -32.26 24.10
CA VAL E 118 -38.49 -33.54 24.50
C VAL E 118 -39.35 -34.11 25.63
N SER E 119 -39.85 -35.33 25.42
CA SER E 119 -40.69 -35.98 26.42
C SER E 119 -39.83 -36.50 27.57
N ALA E 120 -40.49 -36.88 28.66
CA ALA E 120 -39.80 -37.41 29.83
C ALA E 120 -40.23 -38.84 30.10
N ALA E 136 -18.98 -17.88 37.52
CA ALA E 136 -18.05 -17.36 36.52
C ALA E 136 -18.78 -16.52 35.47
N ASP E 137 -19.90 -17.04 34.98
CA ASP E 137 -20.70 -16.31 34.01
C ASP E 137 -21.35 -15.09 34.67
N ILE E 138 -21.54 -14.05 33.87
CA ILE E 138 -22.15 -12.81 34.35
C ILE E 138 -23.62 -13.07 34.61
N VAL E 139 -24.09 -12.73 35.81
CA VAL E 139 -25.48 -12.89 36.19
C VAL E 139 -26.19 -11.58 35.88
N MET E 140 -27.23 -11.64 35.05
CA MET E 140 -27.95 -10.47 34.60
C MET E 140 -29.34 -10.50 35.24
N THR E 141 -29.67 -9.47 36.00
CA THR E 141 -30.85 -9.47 36.85
C THR E 141 -31.80 -8.34 36.48
N GLN E 142 -33.06 -8.69 36.28
CA GLN E 142 -34.14 -7.73 36.10
C GLN E 142 -35.05 -7.81 37.33
N ALA E 143 -35.16 -6.70 38.07
CA ALA E 143 -35.87 -6.71 39.34
C ALA E 143 -37.36 -7.01 39.15
N THR E 144 -37.98 -6.37 38.17
CA THR E 144 -39.42 -6.49 37.97
C THR E 144 -39.72 -7.51 36.87
N SER E 145 -40.77 -8.30 37.09
CA SER E 145 -41.19 -9.29 36.12
C SER E 145 -42.42 -8.88 35.32
N SER E 146 -43.26 -8.00 35.86
CA SER E 146 -44.44 -7.54 35.16
C SER E 146 -44.75 -6.12 35.60
N VAL E 147 -45.01 -5.24 34.64
CA VAL E 147 -45.32 -3.84 34.89
C VAL E 147 -46.64 -3.49 34.21
N PRO E 148 -47.73 -3.32 34.96
CA PRO E 148 -48.98 -2.84 34.34
C PRO E 148 -48.82 -1.40 33.87
N VAL E 149 -49.07 -1.17 32.58
CA VAL E 149 -48.81 0.11 31.96
C VAL E 149 -50.02 0.54 31.13
N THR E 150 -50.12 1.84 30.89
CA THR E 150 -51.15 2.41 30.04
C THR E 150 -50.50 3.29 28.98
N PRO E 151 -51.03 3.31 27.76
CA PRO E 151 -50.42 4.12 26.71
C PRO E 151 -50.44 5.60 27.05
N GLY E 152 -49.42 6.32 26.59
CA GLY E 152 -49.32 7.75 26.79
C GLY E 152 -48.44 8.20 27.93
N GLU E 153 -47.85 7.28 28.70
CA GLU E 153 -46.99 7.61 29.82
C GLU E 153 -45.58 7.09 29.58
N SER E 154 -44.71 7.31 30.55
CA SER E 154 -43.32 6.89 30.45
C SER E 154 -43.05 5.77 31.44
N VAL E 155 -42.34 4.73 30.98
CA VAL E 155 -41.96 3.60 31.82
C VAL E 155 -40.47 3.36 31.63
N SER E 156 -39.77 3.07 32.73
CA SER E 156 -38.35 2.73 32.70
C SER E 156 -38.18 1.28 33.11
N ILE E 157 -37.46 0.51 32.30
CA ILE E 157 -37.19 -0.89 32.55
C ILE E 157 -35.78 -1.00 33.11
N SER E 158 -35.66 -1.58 34.30
CA SER E 158 -34.41 -1.60 35.03
C SER E 158 -33.77 -2.99 34.97
N CYS E 159 -32.49 -3.03 34.63
CA CYS E 159 -31.71 -4.25 34.61
C CYS E 159 -30.38 -4.02 35.30
N ARG E 160 -29.80 -5.08 35.85
CA ARG E 160 -28.56 -5.00 36.58
C ARG E 160 -27.66 -6.16 36.20
N SER E 161 -26.34 -5.96 36.36
CA SER E 161 -25.34 -6.95 36.00
C SER E 161 -24.43 -7.22 37.19
N SER E 162 -23.97 -8.47 37.28
CA SER E 162 -23.06 -8.84 38.36
C SER E 162 -21.70 -8.15 38.19
N LYS E 163 -21.23 -8.05 36.96
CA LYS E 163 -19.94 -7.46 36.66
C LYS E 163 -20.13 -6.27 35.72
N SER E 164 -19.29 -5.25 35.91
CA SER E 164 -19.39 -4.05 35.09
C SER E 164 -19.18 -4.36 33.62
N LEU E 165 -20.07 -3.86 32.78
CA LEU E 165 -20.03 -4.12 31.34
C LEU E 165 -19.24 -3.09 30.55
N LEU E 166 -18.80 -2.01 31.19
CA LEU E 166 -18.06 -0.97 30.49
C LEU E 166 -16.62 -1.42 30.28
N HIS E 167 -16.26 -1.71 29.05
CA HIS E 167 -14.94 -2.20 28.70
C HIS E 167 -13.93 -1.06 28.64
N SER E 168 -12.66 -1.43 28.54
CA SER E 168 -11.59 -0.44 28.55
C SER E 168 -11.69 0.51 27.36
N ASN E 169 -12.18 0.04 26.22
CA ASN E 169 -12.26 0.88 25.02
C ASN E 169 -13.43 1.85 25.04
N GLY E 170 -14.31 1.76 26.03
CA GLY E 170 -15.42 2.68 26.16
C GLY E 170 -16.76 2.17 25.70
N ASN E 171 -16.85 0.90 25.30
CA ASN E 171 -18.10 0.31 24.85
C ASN E 171 -18.72 -0.48 26.00
N THR E 172 -19.99 -0.20 26.28
CA THR E 172 -20.74 -0.95 27.29
C THR E 172 -21.62 -1.96 26.57
N TYR E 173 -21.21 -3.23 26.59
CA TYR E 173 -21.84 -4.26 25.77
C TYR E 173 -23.07 -4.80 26.47
N LEU E 174 -24.18 -4.07 26.33
CA LEU E 174 -25.49 -4.53 26.76
C LEU E 174 -26.51 -4.27 25.68
N TYR E 175 -27.40 -5.24 25.47
CA TYR E 175 -28.41 -5.18 24.43
C TYR E 175 -29.80 -5.27 25.04
N TRP E 176 -30.77 -4.65 24.38
CA TRP E 176 -32.16 -4.67 24.81
C TRP E 176 -33.02 -5.31 23.74
N PHE E 177 -33.80 -6.31 24.12
CA PHE E 177 -34.65 -7.04 23.19
C PHE E 177 -36.09 -6.98 23.66
N LEU E 178 -37.00 -6.83 22.70
CA LEU E 178 -38.44 -6.84 22.96
C LEU E 178 -39.06 -8.02 22.24
N GLN E 179 -39.71 -8.89 23.00
CA GLN E 179 -40.42 -10.04 22.45
C GLN E 179 -41.91 -9.81 22.61
N ARG E 180 -42.57 -9.42 21.53
CA ARG E 180 -44.01 -9.25 21.55
C ARG E 180 -44.67 -10.62 21.64
N PRO E 181 -45.90 -10.69 22.17
CA PRO E 181 -46.56 -11.99 22.35
C PRO E 181 -46.67 -12.75 21.04
N GLY E 182 -46.25 -14.00 21.06
CA GLY E 182 -46.29 -14.85 19.88
C GLY E 182 -45.41 -14.36 18.74
N GLN E 183 -44.26 -13.78 19.07
CA GLN E 183 -43.36 -13.25 18.04
C GLN E 183 -41.92 -13.40 18.51
N SER E 184 -41.01 -13.36 17.54
CA SER E 184 -39.60 -13.45 17.84
C SER E 184 -39.11 -12.15 18.48
N PRO E 185 -38.11 -12.23 19.36
CA PRO E 185 -37.58 -11.01 19.98
C PRO E 185 -36.96 -10.08 18.94
N GLN E 186 -37.04 -8.78 19.23
CA GLN E 186 -36.56 -7.75 18.32
C GLN E 186 -35.52 -6.90 19.03
N LEU E 187 -34.42 -6.61 18.35
CA LEU E 187 -33.39 -5.76 18.93
C LEU E 187 -33.88 -4.33 19.02
N LEU E 188 -33.73 -3.72 20.19
CA LEU E 188 -34.10 -2.34 20.40
C LEU E 188 -32.88 -1.44 20.50
N ILE E 189 -31.99 -1.72 21.46
CA ILE E 189 -30.83 -0.89 21.74
C ILE E 189 -29.61 -1.79 21.85
N TYR E 190 -28.58 -1.42 21.09
CA TYR E 190 -27.31 -2.19 21.11
C TYR E 190 -26.24 -1.32 21.77
N ARG E 191 -25.39 -1.93 22.59
CA ARG E 191 -24.32 -1.19 23.33
C ARG E 191 -24.93 -0.19 24.33
N MET E 192 -26.17 -0.39 24.77
CA MET E 192 -26.75 0.31 25.90
C MET E 192 -27.25 1.72 25.57
N SER E 193 -26.87 2.27 24.41
CA SER E 193 -27.33 3.60 24.03
C SER E 193 -27.75 3.75 22.59
N ASN E 194 -27.26 2.89 21.69
CA ASN E 194 -27.52 3.09 20.27
C ASN E 194 -28.81 2.39 19.87
N LEU E 195 -29.70 3.14 19.21
CA LEU E 195 -31.01 2.63 18.83
C LEU E 195 -30.94 1.94 17.48
N ALA E 196 -31.45 0.72 17.43
CA ALA E 196 -31.34 -0.12 16.25
C ALA E 196 -32.20 0.42 15.12
N SER E 197 -31.93 -0.08 13.91
CA SER E 197 -32.67 0.35 12.73
C SER E 197 -34.09 -0.19 12.77
N GLY E 198 -35.04 0.63 12.36
CA GLY E 198 -36.44 0.25 12.37
C GLY E 198 -37.15 0.42 13.69
N VAL E 199 -36.44 0.89 14.73
CA VAL E 199 -37.03 1.08 16.05
C VAL E 199 -37.32 2.55 16.25
N PRO E 200 -38.50 2.92 16.73
CA PRO E 200 -38.81 4.35 16.94
C PRO E 200 -37.92 4.97 18.01
N ASP E 201 -37.84 6.30 17.96
CA ASP E 201 -36.97 7.06 18.86
C ASP E 201 -37.54 7.17 20.27
N ARG E 202 -38.77 6.69 20.50
CA ARG E 202 -39.33 6.75 21.84
C ARG E 202 -38.55 5.89 22.82
N PHE E 203 -37.84 4.87 22.32
CA PHE E 203 -36.99 4.04 23.16
C PHE E 203 -35.65 4.72 23.40
N SER E 204 -35.19 4.69 24.64
CA SER E 204 -33.91 5.27 24.99
C SER E 204 -33.29 4.48 26.13
N GLY E 205 -31.98 4.29 26.10
CA GLY E 205 -31.27 3.49 27.07
C GLY E 205 -30.08 4.25 27.64
N SER E 206 -29.83 4.04 28.92
CA SER E 206 -28.70 4.63 29.62
C SER E 206 -28.24 3.69 30.71
N GLY E 207 -26.96 3.80 31.08
CA GLY E 207 -26.42 2.93 32.10
C GLY E 207 -25.17 3.52 32.73
N SER E 208 -24.87 3.04 33.93
CA SER E 208 -23.69 3.47 34.67
C SER E 208 -22.57 2.45 34.61
N GLY E 209 -22.69 1.41 33.78
CA GLY E 209 -21.71 0.36 33.69
C GLY E 209 -22.08 -0.90 34.43
N THR E 210 -22.90 -0.81 35.48
CA THR E 210 -23.36 -1.97 36.21
C THR E 210 -24.88 -1.95 36.34
N ALA E 211 -25.45 -0.74 36.40
CA ALA E 211 -26.89 -0.55 36.49
C ALA E 211 -27.37 0.12 35.21
N PHE E 212 -28.44 -0.41 34.64
CA PHE E 212 -28.92 0.01 33.33
C PHE E 212 -30.43 0.19 33.37
N THR E 213 -30.92 1.07 32.48
CA THR E 213 -32.34 1.33 32.38
C THR E 213 -32.71 1.62 30.93
N LEU E 214 -33.93 1.24 30.56
CA LEU E 214 -34.49 1.48 29.24
C LEU E 214 -35.81 2.22 29.41
N THR E 215 -35.95 3.37 28.77
CA THR E 215 -37.09 4.24 28.95
C THR E 215 -37.87 4.36 27.64
N ILE E 216 -39.18 4.19 27.73
CA ILE E 216 -40.09 4.40 26.60
C ILE E 216 -40.86 5.69 26.88
N SER E 217 -40.77 6.66 25.96
CA SER E 217 -41.38 7.96 26.19
C SER E 217 -42.90 7.86 26.17
N ARG E 218 -43.46 7.22 25.14
CA ARG E 218 -44.90 7.13 24.96
C ARG E 218 -45.28 5.74 24.51
N LEU E 219 -46.02 5.02 25.35
CA LEU E 219 -46.37 3.65 25.02
C LEU E 219 -47.33 3.59 23.84
N GLU E 220 -47.23 2.50 23.09
CA GLU E 220 -48.16 2.20 22.02
C GLU E 220 -48.80 0.84 22.33
N ALA E 221 -49.78 0.47 21.51
CA ALA E 221 -50.38 -0.85 21.63
C ALA E 221 -49.45 -1.96 21.17
N GLU E 222 -48.36 -1.62 20.48
CA GLU E 222 -47.41 -2.60 19.95
C GLU E 222 -46.17 -2.72 20.83
N ASP E 223 -46.10 -1.99 21.94
CA ASP E 223 -44.96 -2.04 22.83
C ASP E 223 -45.14 -3.05 23.96
N VAL E 224 -46.24 -3.81 23.96
CA VAL E 224 -46.46 -4.80 25.01
C VAL E 224 -45.70 -6.07 24.70
N GLY E 225 -45.10 -6.65 25.73
CA GLY E 225 -44.30 -7.85 25.58
C GLY E 225 -43.33 -7.97 26.73
N VAL E 226 -42.32 -8.81 26.53
CA VAL E 226 -41.29 -9.07 27.54
C VAL E 226 -39.99 -8.43 27.07
N TYR E 227 -39.38 -7.63 27.94
CA TYR E 227 -38.16 -6.91 27.62
C TYR E 227 -36.98 -7.62 28.28
N TYR E 228 -35.98 -7.96 27.49
CA TYR E 228 -34.82 -8.70 27.97
C TYR E 228 -33.57 -7.85 27.86
N CYS E 229 -32.70 -7.98 28.85
CA CYS E 229 -31.39 -7.32 28.86
C CYS E 229 -30.31 -8.37 28.72
N MET E 230 -29.42 -8.17 27.77
CA MET E 230 -28.39 -9.16 27.44
C MET E 230 -27.02 -8.50 27.42
N GLN E 231 -26.03 -9.20 27.93
CA GLN E 231 -24.65 -8.72 27.91
C GLN E 231 -23.89 -9.41 26.78
N HIS E 232 -22.87 -8.73 26.26
CA HIS E 232 -22.01 -9.27 25.22
C HIS E 232 -20.54 -9.04 25.55
N LEU E 233 -20.24 -8.78 26.82
CA LEU E 233 -18.86 -8.50 27.21
C LEU E 233 -17.96 -9.70 26.98
N GLU E 234 -18.44 -10.90 27.32
CA GLU E 234 -17.68 -12.12 27.10
C GLU E 234 -18.63 -13.30 27.05
N TYR E 235 -18.15 -14.40 26.51
CA TYR E 235 -19.00 -15.58 26.38
C TYR E 235 -18.87 -16.45 27.63
N PRO E 236 -19.91 -17.20 28.02
CA PRO E 236 -21.22 -17.34 27.37
C PRO E 236 -22.11 -16.12 27.53
N LEU E 237 -22.97 -15.87 26.54
CA LEU E 237 -23.88 -14.75 26.59
C LEU E 237 -25.06 -15.07 27.51
N THR E 238 -25.39 -14.15 28.40
CA THR E 238 -26.41 -14.38 29.41
C THR E 238 -27.50 -13.32 29.32
N PHE E 239 -28.74 -13.78 29.38
CA PHE E 239 -29.91 -12.93 29.30
C PHE E 239 -30.48 -12.69 30.70
N GLY E 240 -31.29 -11.66 30.82
CA GLY E 240 -32.01 -11.41 32.05
C GLY E 240 -33.28 -12.24 32.13
N ALA E 241 -33.94 -12.15 33.30
CA ALA E 241 -35.19 -12.86 33.50
C ALA E 241 -36.30 -12.32 32.61
N GLY E 242 -36.32 -11.01 32.35
CA GLY E 242 -37.32 -10.43 31.49
C GLY E 242 -38.38 -9.64 32.23
N THR E 243 -38.74 -8.48 31.70
CA THR E 243 -39.78 -7.63 32.26
C THR E 243 -40.95 -7.57 31.30
N LYS E 244 -42.14 -7.94 31.78
CA LYS E 244 -43.33 -8.00 30.96
C LYS E 244 -44.13 -6.71 31.12
N LEU E 245 -44.65 -6.20 29.99
CA LEU E 245 -45.50 -5.02 29.99
C LEU E 245 -46.90 -5.42 29.56
N GLU E 246 -47.89 -5.05 30.37
CA GLU E 246 -49.28 -5.38 30.09
C GLU E 246 -50.14 -4.12 30.21
N LEU E 247 -51.27 -4.14 29.51
CA LEU E 247 -52.17 -2.99 29.50
C LEU E 247 -53.05 -2.96 30.74
C6 YN9 F . 40.71 -29.64 10.42
C5 YN9 F . 39.61 -28.59 10.40
C4 YN9 F . 36.24 -25.21 9.10
C3 YN9 F . 34.56 -23.53 7.48
O3 YN9 F . 41.24 -32.94 10.59
C2 YN9 F . 36.07 -23.71 9.34
O2 YN9 F . 42.10 -32.09 8.78
C1 YN9 F . 35.25 -22.95 8.52
O1 YN9 F . 36.49 -25.81 10.34
C10 YN9 F . 33.24 -23.89 7.66
C11 YN9 F . 35.18 -23.77 6.27
C12 YN9 F . 40.22 -30.92 9.75
C13 YN9 F . 39.90 -27.23 10.42
C14 YN9 F . 38.29 -29.02 10.35
C15 YN9 F . 38.87 -26.30 10.39
C16 YN9 F . 37.27 -28.08 10.33
C17 YN9 F . 33.17 -24.71 5.41
C18 YN9 F . 35.80 -21.00 9.79
C19 YN9 F . 36.63 -21.75 10.60
C20 YN9 F . 32.54 -24.48 6.62
C21 YN9 F . 34.48 -24.36 5.23
C22 YN9 F . 32.40 -25.37 4.27
C23 YN9 F . 41.25 -32.04 9.71
C7 YN9 F . 35.11 -21.59 8.75
C8 YN9 F . 36.76 -23.10 10.37
C9 YN9 F . 37.55 -26.73 10.36
F1 YN9 F . 37.31 -21.16 11.63
C1 2Y5 G . 15.10 -10.76 12.29
O1 2Y5 G . 16.40 -11.21 12.52
P1 2Y5 G . 16.68 -12.06 13.91
C2 2Y5 G . 14.35 -11.81 11.45
O2 2Y5 G . 15.27 -12.75 10.97
C3 2Y5 G . 13.58 -11.21 10.26
O3 2Y5 G . 12.63 -12.15 9.83
C4 2Y5 G . 12.86 -9.90 10.61
O4 2Y5 G . 12.30 -9.37 9.44
P4 2Y5 G . 10.72 -9.70 9.09
C5 2Y5 G . 13.79 -8.84 11.22
O5 2Y5 G . 13.19 -8.33 12.38
C6 2Y5 G . 15.18 -9.39 11.59
O6 2Y5 G . 15.82 -8.48 12.46
C7 2Y5 G . 19.00 -10.89 14.23
C8 2Y5 G . 20.36 -11.08 14.90
C9 2Y5 G . 20.70 -9.83 15.71
C10 2Y5 G . 21.34 -13.10 15.56
C11 2Y5 G . 19.48 -7.84 15.89
O11 2Y5 G . 15.95 -11.39 15.05
C12 2Y5 G . 21.19 -14.27 14.59
O12 2Y5 G . 16.17 -13.47 13.74
C13 2Y5 G . 19.84 -14.94 14.81
O13 2Y5 G . 18.29 -12.09 14.24
C14 2Y5 G . 19.58 -15.89 13.65
C15 2Y5 G . 18.11 -15.84 13.24
C16 2Y5 G . 17.77 -16.12 12.00
O16 2Y5 G . 20.29 -12.19 15.74
C17 2Y5 G . 16.30 -16.08 11.57
O17 2Y5 G . 22.35 -12.97 16.17
C18 2Y5 G . 16.11 -16.95 10.33
O18 2Y5 G . 19.52 -9.21 16.13
C19 2Y5 G . 15.80 -18.23 10.46
O19 2Y5 G . 19.77 -7.07 16.74
C20 2Y5 G . 15.62 -18.85 11.84
C21 2Y5 G . 16.92 -19.53 12.28
C22 2Y5 G . 17.44 -19.23 13.45
C23 2Y5 G . 18.73 -19.92 13.90
C24 2Y5 G . 19.36 -19.09 15.02
C25 2Y5 G . 20.26 -19.63 15.81
C26 2Y5 G . 20.69 -21.09 15.64
C27 2Y5 G . 21.70 -21.45 16.73
C28 2Y5 G . 22.19 -22.87 16.52
C29 2Y5 G . 23.08 -23.28 17.69
C30 2Y5 G . 23.54 -24.72 17.51
C31 2Y5 G . 19.06 -7.32 14.52
C32 2Y5 G . 18.39 -5.95 14.67
C33 2Y5 G . 17.10 -5.94 13.86
C34 2Y5 G . 15.95 -5.46 14.74
C35 2Y5 G . 16.32 -4.12 15.37
C36 2Y5 G . 15.53 -3.00 14.70
C37 2Y5 G . 15.74 -1.71 15.49
C38 2Y5 G . 15.81 -0.52 14.53
C39 2Y5 G . 16.49 0.65 15.25
C40 2Y5 G . 18.00 0.46 15.20
C41 2Y5 G . 18.53 0.24 16.62
O41 2Y5 G . 10.07 -8.50 8.47
C42 2Y5 G . 19.82 -0.59 16.55
O42 2Y5 G . 10.65 -10.86 8.13
C43 2Y5 G . 19.53 -2.01 17.02
O43 2Y5 G . 10.00 -10.07 10.36
C44 2Y5 G . 20.68 -2.51 17.88
C45 2Y5 G . 20.62 -4.03 17.98
C46 2Y5 G . 21.89 -4.63 17.38
C47 2Y5 G . 23.10 -4.22 18.22
C1 PLM H . 53.72 -13.67 12.01
O1 PLM H . 53.17 -13.34 13.10
O2 PLM H . 54.69 -14.45 11.84
C2 PLM H . 53.09 -13.01 10.74
C3 PLM H . 53.22 -11.49 10.65
C4 PLM H . 52.46 -10.86 9.46
C5 PLM H . 50.95 -10.78 9.68
C6 PLM H . 50.18 -10.21 8.47
C7 PLM H . 50.36 -11.02 7.18
C8 PLM H . 49.63 -12.39 7.18
C9 PLM H . 50.57 -13.58 7.40
CA PLM H . 49.98 -14.92 6.97
CB PLM H . 49.57 -14.97 5.49
CC PLM H . 48.92 -16.28 5.06
CD PLM H . 48.29 -16.23 3.67
CE PLM H . 47.27 -15.09 3.50
CF PLM H . 46.06 -15.19 4.43
CG PLM H . 45.32 -13.87 4.61
#